data_6HP5
#
_entry.id   6HP5
#
_cell.length_a   94.340
_cell.length_b   94.340
_cell.length_c   249.950
_cell.angle_alpha   90.00
_cell.angle_beta   90.00
_cell.angle_gamma   90.00
#
_symmetry.space_group_name_H-M   'P 41 21 2'
#
loop_
_entity.id
_entity.type
_entity.pdbx_description
1 polymer 'SPBc2 prophage-derived uncharacterized protein YopK'
2 polymer GLY-MET-PRO-ARG-GLY-ALA
3 non-polymer 'SULFATE ION'
4 water water
#
loop_
_entity_poly.entity_id
_entity_poly.type
_entity_poly.pdbx_seq_one_letter_code
_entity_poly.pdbx_strand_id
1 'polypeptide(L)'
;(MSE)ELIRIA(MSE)KKDLENDNSL(MSE)NKWATVAGLKNPNPLYDFLNHDGKTFNEFSSIVNIVKSQYPDREYEL
(MSE)KDYCLNLDVKTKAARSALEYADAN(MSE)FFEIEDVLIDS(MSE)ISCSN(MSE)KSKEYGKVYKIHRELSNSVI
TEFEAVKRLGKLNIKTPE(MSE)NSFSRLLLLYHYLSTGNFSP(MSE)AQLIKQIDLSEISEN(MSE)YIRNTYQTRVHV
L(MSE)SNIKLNENSLEECREYSKKALESTNILRFQVFSYLTIGNSLLFSNYELAQENFLKGLSISVQNENYN(MSE)IF
QQALCFLNNVWRKENKWINFESDSI(MSE)DLQEQAHCFINFNENSKAKEVLDKLDLLVHNDNELA(MSE)HYYLKGRLE
QNKACFYSSIEYFKKSNDKFLIRLPLLELQK(MSE)GENQKLLELLLL
;
A,B
2 'polypeptide(L)' GMPRGA C,D
#
loop_
_chem_comp.id
_chem_comp.type
_chem_comp.name
_chem_comp.formula
SO4 non-polymer 'SULFATE ION' 'O4 S -2'
#
# COMPACT_ATOMS: atom_id res chain seq x y z
N MSE A 1 14.77 -8.75 -46.41
CA MSE A 1 15.40 -10.02 -45.96
C MSE A 1 16.26 -9.71 -44.71
O MSE A 1 17.20 -8.93 -44.79
CB MSE A 1 16.12 -10.60 -47.19
CG MSE A 1 17.16 -11.73 -47.04
SE MSE A 1 16.58 -13.50 -46.30
CE MSE A 1 17.94 -14.74 -47.09
N GLU A 2 15.91 -10.31 -43.57
CA GLU A 2 16.54 -9.96 -42.27
C GLU A 2 17.93 -10.56 -42.11
N LEU A 3 18.80 -9.81 -41.42
CA LEU A 3 20.20 -10.22 -41.19
C LEU A 3 20.33 -11.56 -40.49
N ILE A 4 19.42 -11.82 -39.55
CA ILE A 4 19.36 -13.08 -38.79
C ILE A 4 19.13 -14.29 -39.71
N ARG A 5 18.27 -14.09 -40.71
CA ARG A 5 17.95 -15.16 -41.64
C ARG A 5 19.10 -15.45 -42.61
N ILE A 6 19.75 -14.38 -43.10
CA ILE A 6 21.00 -14.51 -43.90
C ILE A 6 22.08 -15.28 -43.12
N ALA A 7 22.36 -14.86 -41.88
CA ALA A 7 23.39 -15.48 -41.03
C ALA A 7 23.14 -16.94 -40.74
N MSE A 8 21.88 -17.28 -40.42
CA MSE A 8 21.48 -18.67 -40.14
C MSE A 8 21.62 -19.59 -41.34
O MSE A 8 22.07 -20.73 -41.19
CB MSE A 8 20.06 -18.76 -39.57
CG MSE A 8 20.04 -18.41 -38.10
SE MSE A 8 18.18 -18.06 -37.51
CE MSE A 8 17.60 -19.92 -37.25
N LYS A 9 21.26 -19.07 -42.53
CA LYS A 9 21.38 -19.80 -43.80
C LYS A 9 22.84 -20.12 -44.08
N LYS A 10 23.70 -19.10 -43.92
CA LYS A 10 25.14 -19.25 -44.07
C LYS A 10 25.71 -20.28 -43.10
N ASP A 11 25.38 -20.16 -41.81
CA ASP A 11 25.89 -21.10 -40.80
C ASP A 11 25.38 -22.55 -40.99
N LEU A 12 24.13 -22.67 -41.46
CA LEU A 12 23.53 -23.97 -41.76
C LEU A 12 24.22 -24.70 -42.91
N GLU A 13 24.59 -23.95 -43.95
CA GLU A 13 25.42 -24.49 -45.03
C GLU A 13 26.77 -25.06 -44.58
N ASN A 14 27.33 -24.52 -43.50
CA ASN A 14 28.63 -24.99 -42.99
C ASN A 14 28.59 -26.09 -41.93
N ASP A 15 27.38 -26.40 -41.45
CA ASP A 15 27.21 -27.34 -40.36
C ASP A 15 25.73 -27.76 -40.29
N ASN A 16 25.41 -28.96 -40.78
CA ASN A 16 23.98 -29.38 -40.84
C ASN A 16 23.35 -29.74 -39.48
N SER A 17 24.19 -30.12 -38.52
CA SER A 17 23.74 -30.46 -37.16
C SER A 17 23.09 -29.29 -36.38
N LEU A 18 23.27 -28.05 -36.88
CA LEU A 18 22.66 -26.83 -36.29
C LEU A 18 21.14 -26.85 -36.28
N MSE A 19 20.54 -27.39 -37.35
CA MSE A 19 19.09 -27.50 -37.49
C MSE A 19 18.45 -28.11 -36.26
O MSE A 19 17.49 -27.56 -35.72
CB MSE A 19 18.66 -28.22 -38.79
CG MSE A 19 17.23 -27.88 -39.22
SE MSE A 19 16.94 -25.92 -39.15
CE MSE A 19 16.41 -25.54 -41.01
N ASN A 20 19.00 -29.22 -35.80
CA ASN A 20 18.43 -29.92 -34.64
C ASN A 20 18.80 -29.26 -33.32
N LYS A 21 20.02 -28.73 -33.25
CA LYS A 21 20.45 -27.98 -32.08
C LYS A 21 19.61 -26.72 -31.90
N TRP A 22 19.37 -25.98 -33.00
CA TRP A 22 18.53 -24.78 -32.94
C TRP A 22 17.11 -25.09 -32.56
N ALA A 23 16.63 -26.23 -33.06
CA ALA A 23 15.26 -26.63 -32.78
C ALA A 23 15.06 -26.90 -31.28
N THR A 24 16.04 -27.58 -30.66
CA THR A 24 16.06 -27.84 -29.20
C THR A 24 16.07 -26.50 -28.40
N VAL A 25 17.07 -25.65 -28.69
CA VAL A 25 17.22 -24.37 -28.00
C VAL A 25 15.98 -23.47 -28.10
N ALA A 26 15.33 -23.50 -29.27
CA ALA A 26 14.08 -22.78 -29.55
C ALA A 26 12.84 -23.40 -28.92
N GLY A 27 13.01 -24.50 -28.19
CA GLY A 27 11.93 -25.23 -27.54
C GLY A 27 10.88 -25.80 -28.50
N LEU A 28 11.31 -26.28 -29.67
CA LEU A 28 10.42 -26.78 -30.72
C LEU A 28 10.23 -28.31 -30.70
N LYS A 29 9.03 -28.74 -31.10
CA LYS A 29 8.68 -30.18 -31.25
C LYS A 29 9.54 -30.82 -32.34
N ASN A 30 9.74 -30.12 -33.45
CA ASN A 30 10.53 -30.59 -34.59
C ASN A 30 11.07 -29.35 -35.35
N PRO A 31 11.83 -29.55 -36.45
CA PRO A 31 12.36 -28.36 -37.12
C PRO A 31 11.42 -27.64 -38.10
N ASN A 32 10.18 -28.10 -38.27
CA ASN A 32 9.24 -27.43 -39.20
C ASN A 32 9.12 -25.90 -39.02
N PRO A 33 8.83 -25.40 -37.78
CA PRO A 33 8.73 -23.94 -37.68
C PRO A 33 10.03 -23.21 -38.00
N LEU A 34 11.18 -23.88 -37.86
CA LEU A 34 12.47 -23.32 -38.22
C LEU A 34 12.65 -23.22 -39.74
N TYR A 35 12.39 -24.33 -40.45
CA TYR A 35 12.31 -24.33 -41.92
C TYR A 35 11.37 -23.22 -42.45
N ASP A 36 10.16 -23.15 -41.89
CA ASP A 36 9.22 -22.08 -42.22
C ASP A 36 9.78 -20.68 -41.98
N PHE A 37 10.40 -20.47 -40.81
CA PHE A 37 10.99 -19.16 -40.47
C PHE A 37 12.10 -18.74 -41.42
N LEU A 38 12.98 -19.67 -41.76
CA LEU A 38 14.10 -19.42 -42.69
C LEU A 38 13.70 -19.09 -44.13
N ASN A 39 12.61 -19.70 -44.60
CA ASN A 39 12.23 -19.61 -46.01
C ASN A 39 11.11 -18.63 -46.35
N HIS A 40 10.22 -18.32 -45.40
CA HIS A 40 9.02 -17.53 -45.74
C HIS A 40 9.00 -16.20 -44.98
N ASP A 41 9.08 -15.11 -45.75
CA ASP A 41 8.96 -13.74 -45.24
C ASP A 41 7.79 -13.60 -44.28
N GLY A 42 8.02 -12.95 -43.14
CA GLY A 42 6.96 -12.66 -42.18
C GLY A 42 6.41 -13.82 -41.37
N LYS A 43 6.93 -15.04 -41.59
CA LYS A 43 6.60 -16.13 -40.67
C LYS A 43 7.29 -15.87 -39.33
N THR A 44 6.52 -15.93 -38.24
CA THR A 44 7.02 -15.67 -36.92
C THR A 44 6.79 -16.92 -36.08
N PHE A 45 7.65 -17.11 -35.08
CA PHE A 45 7.48 -18.20 -34.13
C PHE A 45 6.27 -17.93 -33.27
N ASN A 46 5.73 -19.02 -32.74
CA ASN A 46 4.61 -18.96 -31.81
C ASN A 46 4.96 -18.17 -30.54
N GLU A 47 6.14 -18.46 -29.99
CA GLU A 47 6.69 -17.80 -28.81
C GLU A 47 7.97 -17.08 -29.18
N PHE A 48 8.03 -15.80 -28.79
CA PHE A 48 9.17 -14.95 -29.16
C PHE A 48 10.51 -15.45 -28.61
N SER A 49 10.43 -16.20 -27.53
CA SER A 49 11.60 -16.80 -26.94
C SER A 49 12.38 -17.70 -27.90
N SER A 50 11.72 -18.27 -28.90
CA SER A 50 12.37 -19.17 -29.88
C SER A 50 13.50 -18.43 -30.64
N ILE A 51 13.17 -17.25 -31.19
CA ILE A 51 14.15 -16.44 -31.91
C ILE A 51 15.23 -15.90 -30.96
N VAL A 52 14.81 -15.39 -29.80
CA VAL A 52 15.76 -14.86 -28.80
C VAL A 52 16.78 -15.95 -28.43
N ASN A 53 16.27 -17.11 -28.06
CA ASN A 53 17.12 -18.21 -27.62
C ASN A 53 18.12 -18.66 -28.68
N ILE A 54 17.73 -18.62 -29.96
CA ILE A 54 18.62 -19.00 -31.04
C ILE A 54 19.72 -17.97 -31.17
N VAL A 55 19.34 -16.69 -31.13
CA VAL A 55 20.31 -15.60 -31.19
C VAL A 55 21.31 -15.65 -30.01
N LYS A 56 20.81 -15.86 -28.80
CA LYS A 56 21.68 -16.01 -27.61
C LYS A 56 22.62 -17.21 -27.68
N SER A 57 22.12 -18.33 -28.19
CA SER A 57 22.94 -19.53 -28.35
C SER A 57 23.99 -19.44 -29.47
N GLN A 58 23.61 -18.86 -30.60
CA GLN A 58 24.43 -18.94 -31.81
C GLN A 58 25.22 -17.67 -32.09
N TYR A 59 24.64 -16.50 -31.79
CA TYR A 59 25.28 -15.17 -32.05
C TYR A 59 25.35 -14.29 -30.82
N PRO A 60 25.87 -14.82 -29.67
CA PRO A 60 25.75 -14.04 -28.42
C PRO A 60 26.32 -12.60 -28.55
N ASP A 61 27.40 -12.43 -29.31
CA ASP A 61 28.06 -11.14 -29.54
C ASP A 61 27.38 -10.23 -30.58
N ARG A 62 26.37 -10.74 -31.28
CA ARG A 62 25.71 -9.93 -32.31
C ARG A 62 24.23 -9.66 -31.98
N GLU A 63 23.86 -9.91 -30.73
CA GLU A 63 22.47 -9.87 -30.31
C GLU A 63 21.78 -8.55 -30.68
N TYR A 64 22.34 -7.43 -30.25
CA TYR A 64 21.77 -6.12 -30.56
C TYR A 64 21.63 -5.92 -32.08
N GLU A 65 22.76 -6.02 -32.80
CA GLU A 65 22.79 -5.85 -34.25
C GLU A 65 21.66 -6.67 -34.92
N LEU A 66 21.58 -7.95 -34.59
CA LEU A 66 20.61 -8.83 -35.22
C LEU A 66 19.17 -8.61 -34.81
N MSE A 67 18.94 -8.32 -33.52
CA MSE A 67 17.56 -8.17 -33.03
C MSE A 67 17.01 -6.81 -33.39
O MSE A 67 15.81 -6.68 -33.57
CB MSE A 67 17.44 -8.44 -31.53
CG MSE A 67 17.74 -9.91 -31.20
SE MSE A 67 16.34 -11.12 -31.88
CE MSE A 67 14.81 -10.42 -30.86
N LYS A 68 17.87 -5.79 -33.54
CA LYS A 68 17.46 -4.48 -34.03
C LYS A 68 16.88 -4.60 -35.43
N ASP A 69 17.67 -5.15 -36.34
CA ASP A 69 17.25 -5.44 -37.70
C ASP A 69 15.97 -6.29 -37.72
N TYR A 70 15.94 -7.40 -36.99
CA TYR A 70 14.74 -8.24 -36.90
C TYR A 70 13.47 -7.57 -36.35
N CYS A 71 13.57 -6.91 -35.19
CA CYS A 71 12.41 -6.26 -34.56
C CYS A 71 11.85 -5.12 -35.40
N LEU A 72 12.73 -4.37 -36.06
CA LEU A 72 12.32 -3.19 -36.82
C LEU A 72 11.69 -3.52 -38.17
N ASN A 73 11.73 -4.81 -38.55
CA ASN A 73 11.08 -5.31 -39.73
C ASN A 73 9.78 -6.09 -39.49
N LEU A 74 9.38 -6.23 -38.22
CA LEU A 74 8.15 -6.93 -37.91
C LEU A 74 6.91 -6.11 -38.24
N ASP A 75 5.83 -6.86 -38.57
CA ASP A 75 4.51 -6.29 -38.70
C ASP A 75 4.00 -5.96 -37.28
N VAL A 76 3.81 -4.63 -37.03
CA VAL A 76 3.57 -4.14 -35.65
C VAL A 76 2.21 -4.58 -35.10
N LYS A 77 1.41 -5.21 -35.97
CA LYS A 77 0.08 -5.68 -35.61
C LYS A 77 0.15 -7.08 -34.98
N THR A 78 1.33 -7.71 -35.04
CA THR A 78 1.48 -9.11 -34.58
C THR A 78 1.86 -9.27 -33.11
N LYS A 79 1.61 -10.49 -32.60
CA LYS A 79 2.08 -10.98 -31.32
C LYS A 79 3.62 -10.91 -31.18
N ALA A 80 4.33 -11.22 -32.26
CA ALA A 80 5.79 -11.08 -32.29
C ALA A 80 6.25 -9.63 -32.04
N ALA A 81 5.53 -8.66 -32.58
CA ALA A 81 5.91 -7.27 -32.38
C ALA A 81 5.60 -6.79 -30.96
N ARG A 82 4.48 -7.29 -30.41
CA ARG A 82 4.13 -7.02 -29.03
C ARG A 82 5.20 -7.58 -28.07
N SER A 83 5.57 -8.83 -28.33
CA SER A 83 6.72 -9.46 -27.70
C SER A 83 7.98 -8.60 -27.85
N ALA A 84 8.23 -8.11 -29.06
CA ALA A 84 9.42 -7.31 -29.36
C ALA A 84 9.52 -6.05 -28.55
N LEU A 85 8.38 -5.42 -28.28
CA LEU A 85 8.32 -4.20 -27.49
C LEU A 85 8.85 -4.45 -26.08
N GLU A 86 8.32 -5.49 -25.45
CA GLU A 86 8.77 -5.95 -24.15
C GLU A 86 10.25 -6.35 -24.17
N TYR A 87 10.67 -7.14 -25.17
CA TYR A 87 12.08 -7.49 -25.36
C TYR A 87 12.95 -6.21 -25.37
N ALA A 88 12.51 -5.19 -26.10
CA ALA A 88 13.31 -3.96 -26.25
C ALA A 88 13.38 -3.18 -24.93
N ASP A 89 12.25 -3.07 -24.23
CA ASP A 89 12.21 -2.37 -22.96
C ASP A 89 12.99 -3.12 -21.89
N ALA A 90 12.80 -4.44 -21.81
CA ALA A 90 13.50 -5.25 -20.84
C ALA A 90 15.03 -5.10 -20.96
N ASN A 91 15.55 -5.02 -22.19
CA ASN A 91 16.99 -4.89 -22.46
C ASN A 91 17.45 -3.43 -22.57
N MSE A 92 16.53 -2.48 -22.34
CA MSE A 92 16.82 -1.03 -22.42
C MSE A 92 17.37 -0.66 -23.79
O MSE A 92 18.26 0.18 -23.91
CB MSE A 92 17.78 -0.54 -21.30
CG MSE A 92 17.19 -0.87 -19.92
SE MSE A 92 18.35 -0.34 -18.39
CE MSE A 92 16.97 0.43 -17.19
N PHE A 93 16.84 -1.30 -24.84
CA PHE A 93 17.18 -0.97 -26.21
C PHE A 93 16.23 0.13 -26.67
N PHE A 94 16.49 1.36 -26.21
CA PHE A 94 15.54 2.48 -26.40
C PHE A 94 15.31 2.91 -27.85
N GLU A 95 16.32 2.75 -28.70
CA GLU A 95 16.13 3.04 -30.12
C GLU A 95 15.12 2.08 -30.77
N ILE A 96 15.26 0.79 -30.54
CA ILE A 96 14.26 -0.18 -30.98
C ILE A 96 12.88 0.15 -30.40
N GLU A 97 12.82 0.30 -29.08
CA GLU A 97 11.56 0.51 -28.36
C GLU A 97 10.73 1.71 -28.86
N ASP A 98 11.39 2.85 -29.04
CA ASP A 98 10.70 4.10 -29.36
C ASP A 98 10.17 4.09 -30.80
N VAL A 99 10.85 3.37 -31.68
CA VAL A 99 10.37 3.17 -33.06
C VAL A 99 9.13 2.24 -33.08
N LEU A 100 9.20 1.12 -32.35
CA LEU A 100 8.06 0.22 -32.19
C LEU A 100 6.85 0.94 -31.61
N ILE A 101 7.06 1.69 -30.54
CA ILE A 101 5.99 2.46 -29.86
C ILE A 101 5.26 3.39 -30.84
N ASP A 102 6.04 4.15 -31.60
CA ASP A 102 5.52 5.15 -32.51
C ASP A 102 4.69 4.51 -33.65
N SER A 103 5.20 3.45 -34.26
CA SER A 103 4.43 2.61 -35.17
C SER A 103 3.14 2.10 -34.54
N MSE A 104 3.23 1.61 -33.30
CA MSE A 104 2.08 0.92 -32.73
C MSE A 104 1.01 1.84 -32.16
O MSE A 104 -0.15 1.42 -32.12
CB MSE A 104 2.35 -0.45 -32.04
CG MSE A 104 3.33 -0.53 -30.86
SE MSE A 104 4.31 -2.26 -30.72
CE MSE A 104 2.97 -3.34 -29.72
N ILE A 105 1.35 3.08 -31.78
CA ILE A 105 0.33 4.01 -31.22
C ILE A 105 -0.73 4.27 -32.27
N SER A 106 -0.33 4.34 -33.54
CA SER A 106 -1.26 4.72 -34.62
C SER A 106 -1.56 3.59 -35.62
N CYS A 107 -1.51 2.34 -35.16
CA CYS A 107 -1.87 1.21 -36.02
C CYS A 107 -3.30 0.72 -35.75
N SER A 108 -3.80 -0.11 -36.69
CA SER A 108 -5.19 -0.59 -36.69
C SER A 108 -5.51 -1.74 -35.71
N ASN A 109 -4.50 -2.40 -35.15
CA ASN A 109 -4.71 -3.51 -34.20
C ASN A 109 -4.83 -2.97 -32.77
N MSE A 110 -5.91 -3.34 -32.06
CA MSE A 110 -6.24 -2.76 -30.74
C MSE A 110 -5.34 -3.18 -29.60
O MSE A 110 -5.07 -2.38 -28.68
CB MSE A 110 -7.73 -2.94 -30.43
CG MSE A 110 -8.62 -2.09 -31.36
SE MSE A 110 -8.21 -0.15 -31.36
CE MSE A 110 -7.12 0.07 -33.02
N LYS A 111 -4.87 -4.42 -29.65
CA LYS A 111 -3.89 -4.91 -28.68
C LYS A 111 -2.57 -4.15 -28.84
N SER A 112 -1.98 -4.15 -30.03
CA SER A 112 -0.78 -3.37 -30.30
C SER A 112 -0.87 -1.87 -29.96
N LYS A 113 -2.04 -1.26 -30.18
CA LYS A 113 -2.27 0.16 -29.85
C LYS A 113 -2.20 0.41 -28.34
N GLU A 114 -2.81 -0.48 -27.55
CA GLU A 114 -2.81 -0.37 -26.10
C GLU A 114 -1.37 -0.58 -25.52
N TYR A 115 -0.67 -1.64 -25.96
CA TYR A 115 0.73 -1.86 -25.58
C TYR A 115 1.57 -0.61 -25.86
N GLY A 116 1.47 -0.09 -27.09
CA GLY A 116 2.20 1.08 -27.50
C GLY A 116 2.00 2.29 -26.59
N LYS A 117 0.74 2.50 -26.20
CA LYS A 117 0.36 3.67 -25.41
C LYS A 117 0.79 3.56 -23.95
N VAL A 118 0.67 2.36 -23.37
CA VAL A 118 1.17 2.12 -22.00
C VAL A 118 2.71 2.26 -21.93
N TYR A 119 3.44 1.59 -22.84
CA TYR A 119 4.89 1.73 -22.93
C TYR A 119 5.34 3.20 -23.16
N LYS A 120 4.58 3.96 -23.94
CA LYS A 120 4.88 5.38 -24.15
C LYS A 120 4.77 6.15 -22.84
N ILE A 121 3.77 5.82 -22.03
CA ILE A 121 3.61 6.47 -20.72
C ILE A 121 4.80 6.15 -19.81
N HIS A 122 5.27 4.88 -19.85
CA HIS A 122 6.46 4.45 -19.13
C HIS A 122 7.70 5.19 -19.59
N ARG A 123 7.85 5.35 -20.89
CA ARG A 123 9.03 6.01 -21.42
C ARG A 123 9.07 7.48 -21.01
N GLU A 124 7.92 8.14 -21.10
CA GLU A 124 7.79 9.54 -20.72
C GLU A 124 7.99 9.77 -19.22
N LEU A 125 7.38 8.90 -18.39
CA LEU A 125 7.50 9.03 -16.95
C LEU A 125 8.95 8.86 -16.50
N SER A 126 9.63 7.88 -17.08
CA SER A 126 11.00 7.65 -16.67
C SER A 126 11.99 8.67 -17.25
N ASN A 127 11.57 9.42 -18.28
CA ASN A 127 12.39 10.54 -18.76
C ASN A 127 12.04 11.91 -18.17
N SER A 128 11.20 11.92 -17.12
CA SER A 128 10.65 13.14 -16.49
C SER A 128 9.99 14.11 -17.48
N VAL A 129 9.50 13.57 -18.59
CA VAL A 129 8.73 14.32 -19.61
C VAL A 129 7.33 14.58 -19.09
N ILE A 130 6.81 13.69 -18.24
CA ILE A 130 5.52 13.88 -17.54
C ILE A 130 5.67 13.56 -16.04
N THR A 131 4.71 13.98 -15.22
CA THR A 131 4.73 13.68 -13.79
C THR A 131 4.00 12.35 -13.53
N GLU A 132 4.12 11.83 -12.31
CA GLU A 132 3.32 10.68 -11.87
C GLU A 132 1.83 10.97 -12.06
N PHE A 133 1.35 12.09 -11.51
CA PHE A 133 -0.06 12.52 -11.65
C PHE A 133 -0.54 12.43 -13.11
N GLU A 134 0.19 13.07 -14.03
CA GLU A 134 -0.15 13.04 -15.46
C GLU A 134 -0.18 11.63 -16.01
N ALA A 135 0.84 10.82 -15.66
CA ALA A 135 0.91 9.40 -16.04
C ALA A 135 -0.29 8.58 -15.52
N VAL A 136 -0.66 8.76 -14.26
CA VAL A 136 -1.75 7.98 -13.64
C VAL A 136 -3.09 8.32 -14.31
N LYS A 137 -3.26 9.61 -14.63
CA LYS A 137 -4.42 10.13 -15.33
C LYS A 137 -4.53 9.52 -16.74
N ARG A 138 -3.43 9.60 -17.52
CA ARG A 138 -3.40 9.09 -18.92
C ARG A 138 -3.67 7.59 -19.03
N LEU A 139 -3.20 6.85 -18.01
CA LEU A 139 -3.42 5.42 -17.86
C LEU A 139 -4.87 5.09 -17.54
N GLY A 140 -5.45 5.84 -16.59
CA GLY A 140 -6.88 5.79 -16.26
C GLY A 140 -7.75 5.99 -17.50
N LYS A 141 -7.47 7.05 -18.26
CA LYS A 141 -8.17 7.37 -19.52
C LYS A 141 -8.12 6.28 -20.60
N LEU A 142 -7.03 5.53 -20.72
CA LEU A 142 -6.93 4.41 -21.67
C LEU A 142 -7.90 3.23 -21.52
N ASN A 143 -8.57 3.12 -20.38
CA ASN A 143 -9.43 1.96 -20.15
C ASN A 143 -8.87 0.61 -20.62
N ILE A 144 -7.81 0.23 -19.93
CA ILE A 144 -6.98 -0.91 -20.29
C ILE A 144 -7.73 -2.25 -20.23
N LYS A 145 -7.68 -3.00 -21.33
CA LYS A 145 -8.36 -4.29 -21.44
C LYS A 145 -7.51 -5.52 -21.13
N THR A 146 -6.29 -5.56 -21.66
CA THR A 146 -5.39 -6.74 -21.54
C THR A 146 -4.89 -6.95 -20.11
N PRO A 147 -4.80 -8.22 -19.68
CA PRO A 147 -4.14 -8.50 -18.39
C PRO A 147 -2.61 -8.12 -18.40
N GLU A 148 -1.98 -8.21 -19.57
CA GLU A 148 -0.60 -7.76 -19.75
C GLU A 148 -0.40 -6.28 -19.39
N MSE A 149 -1.19 -5.38 -20.00
CA MSE A 149 -1.02 -3.95 -19.74
C MSE A 149 -1.52 -3.57 -18.38
O MSE A 149 -1.14 -2.54 -17.83
CB MSE A 149 -1.58 -3.03 -20.81
CG MSE A 149 -0.85 -3.21 -22.12
SE MSE A 149 1.09 -2.97 -21.95
CE MSE A 149 1.63 -4.88 -22.15
N ASN A 150 -2.38 -4.41 -17.80
CA ASN A 150 -2.85 -4.18 -16.46
C ASN A 150 -1.68 -4.38 -15.50
N SER A 151 -0.92 -5.44 -15.74
CA SER A 151 0.33 -5.69 -15.06
C SER A 151 1.34 -4.57 -15.28
N PHE A 152 1.57 -4.21 -16.53
CA PHE A 152 2.65 -3.29 -16.82
C PHE A 152 2.39 -1.86 -16.32
N SER A 153 1.12 -1.46 -16.29
CA SER A 153 0.74 -0.13 -15.78
C SER A 153 1.12 -0.03 -14.29
N ARG A 154 1.10 -1.16 -13.58
CA ARG A 154 1.61 -1.19 -12.22
C ARG A 154 3.14 -1.28 -12.13
N LEU A 155 3.75 -2.10 -12.99
CA LEU A 155 5.22 -2.16 -13.07
C LEU A 155 5.86 -0.79 -13.35
N LEU A 156 5.29 -0.02 -14.30
CA LEU A 156 5.87 1.27 -14.65
C LEU A 156 5.89 2.24 -13.45
N LEU A 157 4.89 2.13 -12.57
CA LEU A 157 4.86 2.96 -11.35
C LEU A 157 5.90 2.52 -10.35
N LEU A 158 6.06 1.21 -10.22
CA LEU A 158 7.11 0.64 -9.36
C LEU A 158 8.48 1.15 -9.73
N TYR A 159 8.80 1.14 -11.02
CA TYR A 159 10.11 1.69 -11.47
C TYR A 159 10.26 3.16 -11.09
N HIS A 160 9.19 3.93 -11.29
CA HIS A 160 9.20 5.34 -10.94
C HIS A 160 9.48 5.61 -9.47
N TYR A 161 8.79 4.88 -8.60
CA TYR A 161 8.99 4.99 -7.17
C TYR A 161 10.37 4.56 -6.75
N LEU A 162 10.90 3.48 -7.35
CA LEU A 162 12.25 3.03 -7.04
C LEU A 162 13.25 4.14 -7.39
N SER A 163 13.13 4.72 -8.57
CA SER A 163 14.16 5.69 -8.94
C SER A 163 14.03 7.08 -8.29
N THR A 164 12.87 7.39 -7.69
CA THR A 164 12.71 8.69 -7.00
C THR A 164 12.87 8.60 -5.47
N GLY A 165 13.30 7.45 -4.96
CA GLY A 165 13.49 7.27 -3.52
C GLY A 165 12.21 7.23 -2.69
N ASN A 166 11.10 6.95 -3.35
CA ASN A 166 9.80 6.96 -2.70
C ASN A 166 9.37 5.52 -2.45
N PHE A 167 9.92 4.91 -1.40
CA PHE A 167 9.75 3.49 -1.22
C PHE A 167 8.44 3.03 -0.57
N SER A 168 7.78 3.91 0.23
CA SER A 168 6.51 3.57 0.91
C SER A 168 5.47 2.81 0.06
N PRO A 169 5.06 3.37 -1.11
CA PRO A 169 3.93 2.70 -1.81
C PRO A 169 4.28 1.33 -2.49
N MSE A 170 5.56 0.94 -2.54
CA MSE A 170 6.00 -0.20 -3.40
C MSE A 170 5.46 -1.54 -2.97
O MSE A 170 4.95 -2.30 -3.78
CB MSE A 170 7.50 -0.25 -3.54
CG MSE A 170 7.97 0.88 -4.44
SE MSE A 170 9.94 0.83 -4.57
CE MSE A 170 9.90 -0.64 -5.90
N ALA A 171 5.53 -1.82 -1.67
CA ALA A 171 5.14 -3.12 -1.13
C ALA A 171 3.69 -3.49 -1.45
N GLN A 172 2.77 -2.55 -1.31
CA GLN A 172 1.35 -2.84 -1.57
C GLN A 172 1.02 -2.79 -3.06
N LEU A 173 1.70 -1.92 -3.81
CA LEU A 173 1.43 -1.87 -5.24
C LEU A 173 1.83 -3.18 -5.94
N ILE A 174 2.95 -3.80 -5.52
CA ILE A 174 3.44 -5.01 -6.18
C ILE A 174 2.48 -6.22 -5.95
N LYS A 175 1.82 -6.24 -4.78
CA LYS A 175 0.87 -7.31 -4.41
C LYS A 175 -0.32 -7.36 -5.34
N GLN A 176 -0.63 -6.23 -5.95
CA GLN A 176 -1.78 -6.14 -6.82
C GLN A 176 -1.49 -6.85 -8.15
N ILE A 177 -0.22 -7.12 -8.47
CA ILE A 177 0.11 -7.68 -9.78
C ILE A 177 -0.24 -9.15 -9.78
N ASP A 178 -1.03 -9.57 -10.77
CA ASP A 178 -1.35 -10.99 -10.94
C ASP A 178 -0.94 -11.54 -12.29
N LEU A 179 0.26 -12.10 -12.34
CA LEU A 179 0.80 -12.62 -13.61
C LEU A 179 0.10 -13.87 -14.19
N SER A 180 -0.55 -14.64 -13.32
CA SER A 180 -1.29 -15.84 -13.72
C SER A 180 -2.52 -15.53 -14.60
N GLU A 181 -2.99 -14.28 -14.62
CA GLU A 181 -4.03 -13.87 -15.58
C GLU A 181 -3.53 -13.62 -17.02
N ILE A 182 -2.23 -13.75 -17.27
CA ILE A 182 -1.66 -13.58 -18.63
C ILE A 182 -1.60 -14.96 -19.26
N SER A 183 -2.40 -15.17 -20.31
CA SER A 183 -2.50 -16.48 -20.98
C SER A 183 -2.01 -16.57 -22.45
N GLU A 184 -2.20 -15.51 -23.23
CA GLU A 184 -1.78 -15.46 -24.62
C GLU A 184 -0.23 -15.55 -24.77
N ASN A 185 0.48 -14.60 -24.15
CA ASN A 185 1.90 -14.36 -24.45
C ASN A 185 2.87 -14.81 -23.36
N MSE A 186 3.53 -15.96 -23.57
CA MSE A 186 4.39 -16.56 -22.55
C MSE A 186 5.69 -15.79 -22.35
O MSE A 186 6.23 -15.73 -21.24
CB MSE A 186 4.66 -18.07 -22.65
CG MSE A 186 3.37 -18.92 -22.46
SE MSE A 186 2.55 -18.76 -20.68
CE MSE A 186 1.17 -17.36 -20.95
N TYR A 187 6.19 -15.22 -23.44
CA TYR A 187 7.41 -14.44 -23.36
C TYR A 187 7.20 -13.25 -22.43
N ILE A 188 6.10 -12.53 -22.64
CA ILE A 188 5.73 -11.40 -21.79
C ILE A 188 5.49 -11.86 -20.36
N ARG A 189 4.72 -12.92 -20.16
CA ARG A 189 4.46 -13.40 -18.82
C ARG A 189 5.76 -13.74 -18.07
N ASN A 190 6.67 -14.46 -18.73
CA ASN A 190 7.92 -14.89 -18.11
C ASN A 190 8.93 -13.76 -17.81
N THR A 191 9.13 -12.86 -18.79
CA THR A 191 9.86 -11.63 -18.60
C THR A 191 9.31 -10.75 -17.43
N TYR A 192 7.98 -10.56 -17.39
CA TYR A 192 7.33 -9.85 -16.30
C TYR A 192 7.59 -10.53 -14.98
N GLN A 193 7.63 -11.87 -14.99
CA GLN A 193 7.93 -12.61 -13.77
C GLN A 193 9.33 -12.22 -13.25
N THR A 194 10.28 -12.10 -14.18
CA THR A 194 11.65 -11.68 -13.84
C THR A 194 11.65 -10.28 -13.26
N ARG A 195 10.99 -9.36 -13.94
CA ARG A 195 10.78 -7.99 -13.44
C ARG A 195 10.26 -7.96 -12.01
N VAL A 196 9.25 -8.79 -11.73
CA VAL A 196 8.61 -8.80 -10.41
C VAL A 196 9.61 -9.29 -9.37
N HIS A 197 10.35 -10.36 -9.69
CA HIS A 197 11.38 -10.85 -8.79
C HIS A 197 12.41 -9.81 -8.45
N VAL A 198 12.91 -9.08 -9.46
CA VAL A 198 13.96 -8.12 -9.18
C VAL A 198 13.43 -6.94 -8.37
N LEU A 199 12.23 -6.48 -8.70
CA LEU A 199 11.59 -5.43 -7.91
C LEU A 199 11.33 -5.88 -6.48
N MSE A 200 10.82 -7.10 -6.29
CA MSE A 200 10.59 -7.66 -4.96
C MSE A 200 11.88 -7.65 -4.14
O MSE A 200 11.88 -7.35 -2.93
CB MSE A 200 10.09 -9.10 -5.03
CG MSE A 200 9.47 -9.54 -3.72
SE MSE A 200 7.95 -8.46 -3.07
CE MSE A 200 6.65 -9.64 -4.01
N SER A 201 12.97 -8.00 -4.79
CA SER A 201 14.29 -8.04 -4.14
C SER A 201 14.66 -6.65 -3.62
N ASN A 202 14.43 -5.63 -4.43
CA ASN A 202 14.64 -4.23 -4.04
C ASN A 202 13.73 -3.79 -2.91
N ILE A 203 12.47 -4.20 -2.97
CA ILE A 203 11.52 -3.87 -1.89
C ILE A 203 11.97 -4.48 -0.57
N LYS A 204 12.46 -5.72 -0.61
CA LYS A 204 12.92 -6.38 0.61
C LYS A 204 14.21 -5.76 1.15
N LEU A 205 15.09 -5.32 0.23
CA LEU A 205 16.29 -4.59 0.61
C LEU A 205 15.91 -3.33 1.43
N ASN A 206 14.99 -2.54 0.88
CA ASN A 206 14.55 -1.32 1.52
C ASN A 206 13.81 -1.55 2.85
N GLU A 207 13.28 -2.75 3.02
CA GLU A 207 12.67 -3.15 4.29
C GLU A 207 13.67 -3.75 5.23
N ASN A 208 14.92 -3.90 4.81
CA ASN A 208 15.93 -4.55 5.63
C ASN A 208 15.63 -6.04 5.94
N SER A 209 14.90 -6.75 5.07
CA SER A 209 14.87 -8.22 5.10
C SER A 209 15.83 -8.78 4.09
N LEU A 210 17.03 -9.07 4.54
CA LEU A 210 18.09 -9.23 3.58
C LEU A 210 18.24 -10.63 2.99
N GLU A 211 17.91 -11.65 3.78
CA GLU A 211 17.89 -13.04 3.27
C GLU A 211 16.82 -13.15 2.21
N GLU A 212 15.66 -12.52 2.47
CA GLU A 212 14.57 -12.49 1.51
C GLU A 212 14.93 -11.72 0.25
N CYS A 213 15.60 -10.59 0.44
CA CYS A 213 16.16 -9.82 -0.68
C CYS A 213 17.00 -10.75 -1.58
N ARG A 214 17.93 -11.48 -0.97
CA ARG A 214 18.83 -12.34 -1.70
C ARG A 214 18.08 -13.46 -2.40
N GLU A 215 17.08 -14.07 -1.73
CA GLU A 215 16.26 -15.14 -2.34
C GLU A 215 15.57 -14.70 -3.64
N TYR A 216 14.97 -13.52 -3.62
CA TYR A 216 14.31 -13.00 -4.81
C TYR A 216 15.24 -12.71 -5.95
N SER A 217 16.46 -12.23 -5.66
CA SER A 217 17.43 -12.01 -6.73
C SER A 217 17.95 -13.31 -7.32
N LYS A 218 18.09 -14.32 -6.45
CA LYS A 218 18.48 -15.66 -6.88
C LYS A 218 17.40 -16.24 -7.78
N LYS A 219 16.13 -16.07 -7.40
CA LYS A 219 14.99 -16.49 -8.27
C LYS A 219 14.98 -15.72 -9.60
N ALA A 220 15.29 -14.42 -9.56
CA ALA A 220 15.45 -13.66 -10.81
C ALA A 220 16.53 -14.29 -11.71
N LEU A 221 17.71 -14.55 -11.15
CA LEU A 221 18.79 -15.17 -11.91
C LEU A 221 18.42 -16.47 -12.59
N GLU A 222 17.81 -17.38 -11.83
CA GLU A 222 17.35 -18.67 -12.36
C GLU A 222 16.27 -18.55 -13.43
N SER A 223 15.47 -17.49 -13.37
CA SER A 223 14.35 -17.36 -14.29
C SER A 223 14.73 -16.73 -15.63
N THR A 224 15.98 -16.31 -15.82
CA THR A 224 16.26 -15.36 -16.92
C THR A 224 17.55 -15.59 -17.69
N ASN A 225 17.60 -15.07 -18.91
CA ASN A 225 18.81 -15.06 -19.70
C ASN A 225 19.05 -13.63 -20.19
N ILE A 226 18.37 -12.66 -19.59
CA ILE A 226 18.46 -11.25 -19.99
C ILE A 226 19.48 -10.48 -19.12
N LEU A 227 20.49 -9.87 -19.76
CA LEU A 227 21.59 -9.21 -19.11
C LEU A 227 21.10 -8.12 -18.13
N ARG A 228 20.19 -7.26 -18.59
CA ARG A 228 19.63 -6.24 -17.72
C ARG A 228 19.17 -6.79 -16.35
N PHE A 229 18.50 -7.94 -16.35
CA PHE A 229 18.00 -8.51 -15.07
C PHE A 229 19.07 -9.17 -14.22
N GLN A 230 20.04 -9.77 -14.89
CA GLN A 230 21.17 -10.36 -14.23
C GLN A 230 22.01 -9.27 -13.54
N VAL A 231 22.29 -8.18 -14.29
CA VAL A 231 22.97 -6.99 -13.75
C VAL A 231 22.29 -6.50 -12.45
N PHE A 232 20.98 -6.29 -12.49
CA PHE A 232 20.31 -5.76 -11.31
C PHE A 232 20.15 -6.77 -10.18
N SER A 233 20.19 -8.06 -10.50
CA SER A 233 20.21 -9.08 -9.45
C SER A 233 21.54 -9.05 -8.69
N TYR A 234 22.67 -9.13 -9.42
CA TYR A 234 23.98 -9.00 -8.76
C TYR A 234 24.15 -7.66 -8.03
N LEU A 235 23.62 -6.58 -8.60
CA LEU A 235 23.68 -5.28 -7.90
C LEU A 235 22.93 -5.35 -6.57
N THR A 236 21.75 -5.95 -6.59
CA THR A 236 20.91 -5.93 -5.43
C THR A 236 21.45 -6.90 -4.35
N ILE A 237 21.96 -8.05 -4.77
CA ILE A 237 22.53 -9.01 -3.82
C ILE A 237 23.75 -8.39 -3.15
N GLY A 238 24.63 -7.76 -3.96
CA GLY A 238 25.80 -7.08 -3.41
C GLY A 238 25.41 -5.98 -2.45
N ASN A 239 24.42 -5.18 -2.86
CA ASN A 239 23.91 -4.12 -2.00
C ASN A 239 23.45 -4.69 -0.66
N SER A 240 22.74 -5.82 -0.65
CA SER A 240 22.22 -6.38 0.58
C SER A 240 23.33 -6.77 1.58
N LEU A 241 24.55 -6.93 1.08
CA LEU A 241 25.70 -7.28 1.88
C LEU A 241 26.58 -6.10 2.25
N LEU A 242 26.15 -4.88 1.93
CA LEU A 242 26.96 -3.67 2.13
C LEU A 242 27.44 -3.44 3.55
N PHE A 243 26.64 -3.84 4.55
CA PHE A 243 27.07 -3.68 5.97
C PHE A 243 27.64 -4.91 6.61
N SER A 244 27.42 -6.08 6.03
CA SER A 244 27.76 -7.29 6.74
C SER A 244 28.97 -8.04 6.17
N ASN A 245 29.29 -7.89 4.90
CA ASN A 245 30.26 -8.83 4.29
C ASN A 245 30.92 -8.21 3.05
N TYR A 246 32.05 -7.55 3.30
CA TYR A 246 32.74 -6.82 2.27
C TYR A 246 33.10 -7.71 1.08
N GLU A 247 33.63 -8.89 1.37
CA GLU A 247 34.20 -9.78 0.37
C GLU A 247 33.09 -10.31 -0.53
N LEU A 248 31.96 -10.69 0.08
CA LEU A 248 30.87 -11.24 -0.67
C LEU A 248 30.14 -10.14 -1.47
N ALA A 249 30.04 -8.93 -0.93
CA ALA A 249 29.48 -7.81 -1.70
C ALA A 249 30.32 -7.56 -2.94
N GLN A 250 31.63 -7.49 -2.71
CA GLN A 250 32.58 -7.23 -3.77
C GLN A 250 32.54 -8.35 -4.82
N GLU A 251 32.43 -9.61 -4.37
CA GLU A 251 32.34 -10.70 -5.32
C GLU A 251 31.09 -10.56 -6.20
N ASN A 252 29.97 -10.12 -5.64
CA ASN A 252 28.75 -9.96 -6.46
C ASN A 252 28.86 -8.80 -7.45
N PHE A 253 29.40 -7.67 -7.00
CA PHE A 253 29.60 -6.52 -7.86
C PHE A 253 30.58 -6.85 -9.01
N LEU A 254 31.69 -7.53 -8.68
CA LEU A 254 32.65 -7.95 -9.72
C LEU A 254 32.08 -9.00 -10.67
N LYS A 255 31.25 -9.90 -10.17
CA LYS A 255 30.60 -10.89 -11.02
C LYS A 255 29.70 -10.16 -12.02
N GLY A 256 28.87 -9.26 -11.50
CA GLY A 256 28.05 -8.38 -12.32
C GLY A 256 28.85 -7.59 -13.35
N LEU A 257 29.93 -6.96 -12.93
CA LEU A 257 30.80 -6.23 -13.84
C LEU A 257 31.38 -7.18 -14.89
N SER A 258 31.69 -8.41 -14.50
CA SER A 258 32.35 -9.30 -15.44
C SER A 258 31.45 -9.71 -16.62
N ILE A 259 30.14 -9.80 -16.40
CA ILE A 259 29.23 -10.17 -17.49
C ILE A 259 28.73 -8.93 -18.25
N SER A 260 29.05 -7.73 -17.78
CA SER A 260 28.40 -6.56 -18.34
C SER A 260 29.31 -5.39 -18.71
N VAL A 261 30.60 -5.52 -18.42
CA VAL A 261 31.60 -4.45 -18.63
C VAL A 261 31.54 -3.78 -20.01
N GLN A 262 31.09 -4.51 -21.03
CA GLN A 262 31.07 -4.03 -22.42
C GLN A 262 29.95 -3.01 -22.64
N ASN A 263 28.97 -2.97 -21.74
CA ASN A 263 27.93 -1.94 -21.77
C ASN A 263 28.29 -0.78 -20.83
N GLU A 264 28.46 0.41 -21.42
CA GLU A 264 28.80 1.63 -20.66
C GLU A 264 27.94 1.90 -19.43
N ASN A 265 26.65 1.76 -19.58
CA ASN A 265 25.73 2.04 -18.50
C ASN A 265 25.88 1.06 -17.32
N TYR A 266 25.89 -0.24 -17.60
CA TYR A 266 26.10 -1.25 -16.57
C TYR A 266 27.50 -1.13 -15.93
N ASN A 267 28.49 -0.84 -16.76
CA ASN A 267 29.84 -0.63 -16.29
C ASN A 267 29.87 0.50 -15.22
N MSE A 268 29.26 1.63 -15.55
CA MSE A 268 29.10 2.73 -14.58
C MSE A 268 28.35 2.33 -13.31
O MSE A 268 28.80 2.66 -12.21
CB MSE A 268 28.46 3.91 -15.31
CG MSE A 268 28.58 5.25 -14.58
SE MSE A 268 26.91 6.37 -14.82
CE MSE A 268 25.40 5.52 -13.85
N ILE A 269 27.25 1.60 -13.46
CA ILE A 269 26.47 1.18 -12.29
C ILE A 269 27.37 0.39 -11.32
N PHE A 270 28.16 -0.57 -11.82
CA PHE A 270 28.99 -1.34 -10.92
C PHE A 270 30.17 -0.57 -10.32
N GLN A 271 30.73 0.36 -11.08
CA GLN A 271 31.68 1.30 -10.50
C GLN A 271 31.05 2.08 -9.37
N GLN A 272 29.84 2.60 -9.56
CA GLN A 272 29.22 3.29 -8.47
C GLN A 272 28.99 2.34 -7.29
N ALA A 273 28.65 1.07 -7.54
CA ALA A 273 28.40 0.09 -6.45
C ALA A 273 29.67 -0.14 -5.64
N LEU A 274 30.76 -0.40 -6.33
CA LEU A 274 32.06 -0.67 -5.73
C LEU A 274 32.56 0.59 -5.05
N CYS A 275 32.25 1.75 -5.61
CA CYS A 275 32.59 3.03 -5.00
C CYS A 275 31.89 3.18 -3.69
N PHE A 276 30.57 2.93 -3.68
CA PHE A 276 29.88 2.99 -2.40
C PHE A 276 30.38 2.00 -1.36
N LEU A 277 30.66 0.77 -1.81
CA LEU A 277 31.11 -0.26 -0.88
C LEU A 277 32.42 0.16 -0.21
N ASN A 278 33.36 0.64 -1.01
CA ASN A 278 34.69 0.96 -0.48
C ASN A 278 34.64 2.15 0.48
N ASN A 279 33.68 3.05 0.28
CA ASN A 279 33.50 4.13 1.25
C ASN A 279 32.92 3.64 2.53
N VAL A 280 31.92 2.77 2.45
CA VAL A 280 31.29 2.26 3.67
C VAL A 280 32.36 1.55 4.54
N TRP A 281 33.30 0.88 3.90
CA TRP A 281 34.30 0.08 4.61
C TRP A 281 35.59 0.86 4.80
N ARG A 282 35.57 2.13 4.39
CA ARG A 282 36.67 3.11 4.54
C ARG A 282 37.97 2.56 4.02
N LYS A 283 37.93 1.97 2.83
CA LYS A 283 39.13 1.47 2.17
C LYS A 283 39.57 2.52 1.17
N GLU A 284 40.81 2.39 0.66
CA GLU A 284 41.25 3.19 -0.49
C GLU A 284 40.28 2.91 -1.65
N ASN A 285 39.93 3.95 -2.40
CA ASN A 285 38.79 3.86 -3.28
C ASN A 285 39.22 4.20 -4.69
N LYS A 286 39.35 3.20 -5.55
CA LYS A 286 39.79 3.48 -6.91
C LYS A 286 38.62 3.75 -7.86
N TRP A 287 37.40 3.78 -7.33
CA TRP A 287 36.21 3.75 -8.14
C TRP A 287 35.46 5.10 -8.21
N ILE A 288 36.00 6.14 -7.57
CA ILE A 288 35.40 7.48 -7.56
C ILE A 288 35.33 8.04 -8.99
N ASN A 289 34.20 8.63 -9.37
CA ASN A 289 34.11 9.30 -10.65
C ASN A 289 34.26 10.81 -10.45
N PHE A 290 35.44 11.32 -10.78
CA PHE A 290 35.76 12.72 -10.50
C PHE A 290 35.16 13.67 -11.52
N GLU A 291 34.80 13.18 -12.69
CA GLU A 291 34.27 14.03 -13.76
C GLU A 291 32.82 14.40 -13.52
N SER A 292 32.08 13.54 -12.83
CA SER A 292 30.64 13.66 -12.68
C SER A 292 30.18 14.72 -11.68
N ASP A 293 29.03 15.34 -12.00
CA ASP A 293 28.44 16.36 -11.14
C ASP A 293 27.12 15.92 -10.53
N SER A 294 26.76 14.65 -10.69
CA SER A 294 25.57 14.11 -10.06
C SER A 294 25.72 14.00 -8.54
N ILE A 295 24.60 14.10 -7.84
CA ILE A 295 24.54 13.99 -6.39
C ILE A 295 25.20 12.67 -5.97
N MSE A 296 24.78 11.58 -6.59
CA MSE A 296 25.33 10.27 -6.32
C MSE A 296 26.87 10.21 -6.35
O MSE A 296 27.44 9.61 -5.45
CB MSE A 296 24.69 9.36 -7.36
CG MSE A 296 25.52 8.09 -7.48
SE MSE A 296 24.23 6.62 -7.18
CE MSE A 296 23.56 6.62 -9.04
N ASP A 297 27.52 10.79 -7.36
CA ASP A 297 28.97 10.73 -7.45
C ASP A 297 29.68 11.72 -6.55
N LEU A 298 29.11 12.91 -6.40
CA LEU A 298 29.68 13.91 -5.52
C LEU A 298 29.66 13.42 -4.08
N GLN A 299 28.56 12.80 -3.68
CA GLN A 299 28.45 12.27 -2.32
C GLN A 299 29.57 11.29 -2.02
N GLU A 300 29.85 10.41 -2.99
CA GLU A 300 30.95 9.46 -2.84
C GLU A 300 32.36 10.09 -2.78
N GLN A 301 32.57 11.19 -3.51
CA GLN A 301 33.80 11.95 -3.36
C GLN A 301 33.93 12.46 -1.94
N ALA A 302 32.85 13.08 -1.44
CA ALA A 302 32.89 13.70 -0.11
C ALA A 302 33.10 12.63 0.94
N HIS A 303 32.41 11.49 0.78
CA HIS A 303 32.53 10.39 1.74
C HIS A 303 34.00 9.94 1.83
N CYS A 304 34.65 9.78 0.67
CA CYS A 304 36.04 9.34 0.66
C CYS A 304 36.98 10.34 1.33
N PHE A 305 36.88 11.62 0.94
CA PHE A 305 37.60 12.70 1.63
C PHE A 305 37.44 12.69 3.14
N ILE A 306 36.20 12.49 3.63
CA ILE A 306 35.97 12.39 5.06
C ILE A 306 36.70 11.20 5.69
N ASN A 307 36.61 10.03 5.05
CA ASN A 307 37.27 8.83 5.58
C ASN A 307 38.77 9.07 5.75
N PHE A 308 39.38 9.85 4.86
CA PHE A 308 40.83 10.09 4.87
C PHE A 308 41.25 11.48 5.43
N ASN A 309 40.39 12.08 6.25
CA ASN A 309 40.65 13.37 6.88
C ASN A 309 41.10 14.48 5.96
N GLU A 310 40.55 14.54 4.77
CA GLU A 310 40.79 15.67 3.95
C GLU A 310 39.55 16.54 4.10
N ASN A 311 39.37 17.12 5.27
CA ASN A 311 38.12 17.78 5.62
C ASN A 311 37.75 18.99 4.79
N SER A 312 38.73 19.79 4.42
CA SER A 312 38.41 20.96 3.66
C SER A 312 38.10 20.61 2.20
N LYS A 313 38.78 19.60 1.61
CA LYS A 313 38.29 19.03 0.33
C LYS A 313 36.87 18.45 0.42
N ALA A 314 36.55 17.77 1.54
CA ALA A 314 35.20 17.29 1.80
C ALA A 314 34.21 18.45 1.82
N LYS A 315 34.56 19.52 2.54
CA LYS A 315 33.69 20.69 2.71
C LYS A 315 33.39 21.35 1.35
N GLU A 316 34.37 21.45 0.47
CA GLU A 316 34.18 21.98 -0.89
C GLU A 316 33.11 21.18 -1.66
N VAL A 317 33.23 19.84 -1.61
CA VAL A 317 32.31 18.97 -2.29
C VAL A 317 30.88 19.14 -1.69
N LEU A 318 30.79 19.16 -0.37
CA LEU A 318 29.50 19.36 0.28
C LEU A 318 28.84 20.72 -0.04
N ASP A 319 29.66 21.77 -0.24
CA ASP A 319 29.18 23.09 -0.70
C ASP A 319 28.56 23.03 -2.10
N LYS A 320 29.24 22.38 -3.05
CA LYS A 320 28.67 22.09 -4.36
C LYS A 320 27.32 21.42 -4.19
N LEU A 321 27.24 20.46 -3.26
CA LEU A 321 26.02 19.71 -3.06
C LEU A 321 24.90 20.56 -2.47
N ASP A 322 25.23 21.48 -1.54
CA ASP A 322 24.21 22.39 -0.94
C ASP A 322 23.39 23.21 -1.98
N LEU A 323 23.96 23.39 -3.18
CA LEU A 323 23.36 24.13 -4.30
C LEU A 323 22.55 23.28 -5.28
N LEU A 324 22.33 22.01 -4.94
CA LEU A 324 21.60 21.10 -5.81
C LEU A 324 20.36 20.62 -5.10
N VAL A 325 19.31 20.33 -5.86
CA VAL A 325 18.04 19.90 -5.32
C VAL A 325 18.06 18.40 -5.00
N HIS A 326 17.70 18.03 -3.78
CA HIS A 326 17.75 16.65 -3.29
C HIS A 326 16.34 16.08 -3.05
N ASN A 327 16.07 14.84 -3.44
CA ASN A 327 14.91 14.16 -2.87
C ASN A 327 15.21 13.75 -1.38
N ASP A 328 14.22 13.18 -0.69
CA ASP A 328 14.40 12.86 0.71
C ASP A 328 15.53 11.87 0.96
N ASN A 329 15.61 10.82 0.12
CA ASN A 329 16.67 9.78 0.27
C ASN A 329 18.06 10.41 0.11
N GLU A 330 18.22 11.26 -0.89
CA GLU A 330 19.48 11.94 -1.13
C GLU A 330 19.85 12.90 -0.01
N LEU A 331 18.87 13.61 0.51
CA LEU A 331 19.10 14.54 1.60
C LEU A 331 19.45 13.79 2.88
N ALA A 332 18.84 12.62 3.10
CA ALA A 332 19.23 11.77 4.24
C ALA A 332 20.75 11.47 4.19
N MSE A 333 21.27 11.19 3.01
CA MSE A 333 22.68 10.84 2.81
C MSE A 333 23.55 12.06 3.03
O MSE A 333 24.61 11.98 3.69
CB MSE A 333 22.95 10.19 1.44
CG MSE A 333 24.42 9.73 1.29
SE MSE A 333 24.95 8.25 2.45
CE MSE A 333 26.76 8.29 1.59
N HIS A 334 23.09 13.19 2.50
CA HIS A 334 23.71 14.49 2.69
C HIS A 334 23.88 14.82 4.19
N TYR A 335 22.85 14.63 4.99
CA TYR A 335 22.98 14.90 6.42
C TYR A 335 23.95 13.94 7.10
N TYR A 336 23.95 12.66 6.71
CA TYR A 336 24.93 11.69 7.22
C TYR A 336 26.34 12.21 6.94
N LEU A 337 26.60 12.66 5.70
CA LEU A 337 27.95 13.16 5.38
C LEU A 337 28.33 14.40 6.21
N LYS A 338 27.41 15.33 6.36
CA LYS A 338 27.63 16.51 7.23
C LYS A 338 27.90 16.05 8.68
N GLY A 339 27.15 15.05 9.15
CA GLY A 339 27.35 14.47 10.48
C GLY A 339 28.73 13.88 10.65
N ARG A 340 29.21 13.18 9.65
CA ARG A 340 30.53 12.61 9.73
C ARG A 340 31.60 13.70 9.75
N LEU A 341 31.44 14.72 8.92
CA LEU A 341 32.44 15.79 8.81
C LEU A 341 32.54 16.55 10.11
N GLU A 342 31.40 17.01 10.62
CA GLU A 342 31.31 17.82 11.83
C GLU A 342 31.29 17.02 13.14
N GLN A 343 31.20 15.69 13.08
CA GLN A 343 30.99 14.82 14.26
C GLN A 343 29.80 15.31 15.13
N ASN A 344 28.69 15.62 14.48
CA ASN A 344 27.63 16.36 15.11
C ASN A 344 26.34 15.55 15.18
N LYS A 345 25.95 15.18 16.40
CA LYS A 345 24.77 14.36 16.67
C LYS A 345 23.55 14.84 15.89
N ALA A 346 23.27 16.16 15.90
CA ALA A 346 22.07 16.73 15.23
C ALA A 346 21.94 16.36 13.72
N CYS A 347 23.08 16.33 13.03
CA CYS A 347 23.11 15.90 11.64
C CYS A 347 22.67 14.43 11.47
N PHE A 348 23.04 13.56 12.41
CA PHE A 348 22.59 12.16 12.37
C PHE A 348 21.11 12.02 12.67
N TYR A 349 20.58 12.80 13.62
CA TYR A 349 19.12 12.88 13.82
C TYR A 349 18.38 13.28 12.54
N SER A 350 18.84 14.35 11.89
CA SER A 350 18.23 14.78 10.63
C SER A 350 18.33 13.69 9.56
N SER A 351 19.50 13.07 9.47
CA SER A 351 19.66 11.97 8.52
C SER A 351 18.58 10.87 8.76
N ILE A 352 18.41 10.45 10.03
CA ILE A 352 17.44 9.44 10.39
C ILE A 352 16.03 9.88 9.95
N GLU A 353 15.68 11.13 10.26
CA GLU A 353 14.39 11.66 9.90
C GLU A 353 14.10 11.56 8.36
N TYR A 354 15.10 11.88 7.53
CA TYR A 354 14.90 11.82 6.09
C TYR A 354 14.91 10.38 5.52
N PHE A 355 15.73 9.47 6.09
CA PHE A 355 15.56 8.06 5.72
C PHE A 355 14.16 7.53 6.07
N LYS A 356 13.60 8.01 7.18
CA LYS A 356 12.27 7.61 7.59
C LYS A 356 11.22 8.14 6.61
N LYS A 357 11.38 9.38 6.15
CA LYS A 357 10.45 9.96 5.17
C LYS A 357 10.48 9.14 3.87
N SER A 358 11.68 8.70 3.53
CA SER A 358 11.91 7.97 2.32
C SER A 358 11.52 6.47 2.46
N ASN A 359 11.29 6.03 3.70
CA ASN A 359 10.98 4.64 3.99
C ASN A 359 12.20 3.72 3.62
N ASP A 360 13.41 4.23 3.81
CA ASP A 360 14.62 3.43 3.55
C ASP A 360 15.08 2.85 4.88
N LYS A 361 14.79 1.57 5.12
CA LYS A 361 15.22 0.94 6.37
C LYS A 361 16.61 0.30 6.25
N PHE A 362 17.26 0.53 5.12
CA PHE A 362 18.56 -0.09 4.86
C PHE A 362 19.68 0.87 5.09
N LEU A 363 19.69 1.96 4.34
CA LEU A 363 20.76 2.96 4.47
C LEU A 363 20.75 3.76 5.80
N ILE A 364 19.61 3.77 6.49
CA ILE A 364 19.49 4.37 7.83
C ILE A 364 20.53 3.78 8.78
N ARG A 365 21.01 2.58 8.46
CA ARG A 365 22.09 2.02 9.22
C ARG A 365 23.32 2.92 9.33
N LEU A 366 23.57 3.77 8.34
CA LEU A 366 24.73 4.67 8.37
C LEU A 366 24.75 5.67 9.55
N PRO A 367 23.72 6.54 9.68
CA PRO A 367 23.74 7.40 10.88
C PRO A 367 23.53 6.58 12.17
N LEU A 368 22.79 5.48 12.12
CA LEU A 368 22.63 4.69 13.36
C LEU A 368 23.96 4.16 13.90
N LEU A 369 24.82 3.69 12.99
CA LEU A 369 26.18 3.21 13.38
C LEU A 369 27.04 4.31 14.03
N GLU A 370 26.94 5.54 13.52
CA GLU A 370 27.67 6.64 14.12
C GLU A 370 27.22 6.95 15.53
N LEU A 371 25.90 6.98 15.74
CA LEU A 371 25.36 7.18 17.08
C LEU A 371 25.79 6.06 18.07
N GLN A 372 25.85 4.80 17.58
CA GLN A 372 26.35 3.69 18.38
C GLN A 372 27.79 3.92 18.82
N LYS A 373 28.64 4.33 17.87
CA LYS A 373 30.06 4.65 18.10
C LYS A 373 30.23 5.82 19.05
N MSE A 374 29.20 6.65 19.22
CA MSE A 374 29.26 7.77 20.16
C MSE A 374 28.63 7.34 21.45
O MSE A 374 28.34 8.17 22.29
CB MSE A 374 28.59 9.01 19.54
CG MSE A 374 29.38 9.48 18.32
SE MSE A 374 28.26 10.80 17.30
CE MSE A 374 28.82 12.35 18.41
N GLY A 375 28.39 6.05 21.61
CA GLY A 375 27.81 5.52 22.87
C GLY A 375 26.34 5.77 23.19
N GLU A 376 25.53 6.16 22.19
CA GLU A 376 24.05 6.23 22.37
C GLU A 376 23.44 4.87 22.70
N ASN A 377 22.28 4.85 23.37
CA ASN A 377 21.70 3.58 23.77
C ASN A 377 21.46 2.64 22.57
N GLN A 378 22.21 1.54 22.58
CA GLN A 378 22.18 0.55 21.51
C GLN A 378 20.76 -0.03 21.27
N LYS A 379 19.99 -0.26 22.32
CA LYS A 379 18.66 -0.82 22.17
C LYS A 379 17.73 0.14 21.43
N LEU A 380 17.86 1.44 21.70
CA LEU A 380 16.98 2.42 21.04
C LEU A 380 17.34 2.50 19.55
N LEU A 381 18.64 2.38 19.28
CA LEU A 381 19.13 2.37 17.93
C LEU A 381 18.57 1.21 17.15
N GLU A 382 18.53 0.02 17.77
CA GLU A 382 18.02 -1.18 17.08
C GLU A 382 16.55 -0.99 16.77
N LEU A 383 15.83 -0.39 17.72
CA LEU A 383 14.41 -0.12 17.60
C LEU A 383 14.15 0.86 16.46
N LEU A 384 15.09 1.79 16.20
CA LEU A 384 14.94 2.73 15.08
C LEU A 384 15.09 2.06 13.71
N LEU A 385 15.67 0.85 13.66
CA LEU A 385 15.66 0.02 12.44
C LEU A 385 14.30 -0.55 12.00
N LEU A 386 13.42 -0.87 12.95
CA LEU A 386 12.05 -1.38 12.63
C LEU A 386 11.06 -0.42 11.90
N MSE B 1 -49.70 -2.07 3.90
CA MSE B 1 -49.18 -0.66 4.04
C MSE B 1 -48.13 -0.66 5.13
O MSE B 1 -48.37 -1.10 6.25
CB MSE B 1 -50.25 0.43 4.28
CG MSE B 1 -50.13 1.54 3.19
SE MSE B 1 -50.84 3.36 3.68
CE MSE B 1 -51.25 4.27 1.96
N GLU B 2 -46.93 -0.17 4.79
CA GLU B 2 -45.80 -0.01 5.75
C GLU B 2 -46.13 1.03 6.86
N LEU B 3 -45.56 0.82 8.04
CA LEU B 3 -45.81 1.68 9.20
C LEU B 3 -45.49 3.15 8.95
N ILE B 4 -44.41 3.38 8.19
CA ILE B 4 -43.96 4.73 7.81
C ILE B 4 -45.04 5.47 7.00
N ARG B 5 -45.68 4.73 6.10
CA ARG B 5 -46.66 5.31 5.21
C ARG B 5 -47.98 5.60 5.96
N ILE B 6 -48.39 4.70 6.85
CA ILE B 6 -49.52 4.93 7.78
C ILE B 6 -49.29 6.20 8.63
N ALA B 7 -48.13 6.28 9.28
CA ALA B 7 -47.77 7.45 10.13
C ALA B 7 -47.76 8.77 9.38
N MSE B 8 -47.18 8.78 8.18
CA MSE B 8 -47.11 9.99 7.34
C MSE B 8 -48.49 10.46 6.88
O MSE B 8 -48.75 11.67 6.84
CB MSE B 8 -46.21 9.79 6.14
CG MSE B 8 -44.74 9.96 6.54
SE MSE B 8 -43.57 9.22 5.14
CE MSE B 8 -43.58 10.80 3.95
N LYS B 9 -49.37 9.51 6.52
CA LYS B 9 -50.74 9.79 6.10
C LYS B 9 -51.51 10.44 7.25
N LYS B 10 -51.37 9.87 8.44
CA LYS B 10 -51.97 10.39 9.66
C LYS B 10 -51.47 11.80 9.96
N ASP B 11 -50.14 12.01 9.95
CA ASP B 11 -49.57 13.33 10.21
C ASP B 11 -49.95 14.39 9.16
N LEU B 12 -50.05 13.96 7.90
CA LEU B 12 -50.49 14.81 6.80
C LEU B 12 -51.94 15.31 6.94
N GLU B 13 -52.83 14.45 7.39
CA GLU B 13 -54.19 14.83 7.73
C GLU B 13 -54.30 15.91 8.83
N ASN B 14 -53.31 15.94 9.73
CA ASN B 14 -53.31 16.93 10.82
C ASN B 14 -52.58 18.23 10.56
N ASP B 15 -51.87 18.29 9.43
CA ASP B 15 -51.03 19.43 9.11
C ASP B 15 -50.67 19.36 7.62
N ASN B 16 -51.33 20.17 6.79
CA ASN B 16 -51.11 20.11 5.33
C ASN B 16 -49.73 20.63 4.85
N SER B 17 -49.14 21.52 5.64
CA SER B 17 -47.84 22.11 5.33
C SER B 17 -46.67 21.11 5.32
N LEU B 18 -46.88 19.90 5.86
CA LEU B 18 -45.87 18.81 5.85
C LEU B 18 -45.45 18.35 4.49
N MSE B 19 -46.39 18.31 3.54
CA MSE B 19 -46.12 17.89 2.15
C MSE B 19 -44.93 18.64 1.60
O MSE B 19 -44.02 18.01 1.04
CB MSE B 19 -47.39 18.08 1.27
CG MSE B 19 -47.36 17.37 -0.08
SE MSE B 19 -47.27 15.35 -0.09
CE MSE B 19 -49.10 14.95 -0.78
N ASN B 20 -44.93 19.99 1.74
CA ASN B 20 -43.84 20.79 1.21
C ASN B 20 -42.58 20.73 2.05
N LYS B 21 -42.75 20.64 3.37
CA LYS B 21 -41.63 20.51 4.28
C LYS B 21 -40.90 19.18 4.03
N TRP B 22 -41.67 18.08 3.86
CA TRP B 22 -41.07 16.78 3.59
C TRP B 22 -40.38 16.77 2.25
N ALA B 23 -40.96 17.47 1.28
CA ALA B 23 -40.38 17.51 -0.04
C ALA B 23 -39.00 18.21 -0.04
N THR B 24 -38.89 19.30 0.71
CA THR B 24 -37.60 20.02 0.92
C THR B 24 -36.56 19.11 1.61
N VAL B 25 -36.94 18.54 2.77
CA VAL B 25 -36.09 17.63 3.55
C VAL B 25 -35.57 16.46 2.72
N ALA B 26 -36.43 15.91 1.87
CA ALA B 26 -36.14 14.78 0.97
C ALA B 26 -35.29 15.17 -0.25
N GLY B 27 -34.93 16.45 -0.35
CA GLY B 27 -34.16 16.98 -1.47
C GLY B 27 -34.86 16.90 -2.83
N LEU B 28 -36.19 17.09 -2.86
CA LEU B 28 -36.98 16.96 -4.12
C LEU B 28 -37.23 18.29 -4.85
N LYS B 29 -37.32 18.23 -6.18
CA LYS B 29 -37.70 19.39 -7.01
C LYS B 29 -39.12 19.92 -6.71
N ASN B 30 -40.05 18.99 -6.50
CA ASN B 30 -41.43 19.32 -6.12
C ASN B 30 -42.01 18.14 -5.31
N PRO B 31 -43.31 18.20 -4.87
CA PRO B 31 -43.78 17.08 -4.06
C PRO B 31 -44.24 15.84 -4.81
N ASN B 32 -44.21 15.83 -6.14
CA ASN B 32 -44.69 14.66 -6.91
C ASN B 32 -44.14 13.29 -6.44
N PRO B 33 -42.78 13.12 -6.37
CA PRO B 33 -42.32 11.80 -5.92
C PRO B 33 -42.76 11.42 -4.51
N LEU B 34 -43.06 12.42 -3.67
CA LEU B 34 -43.55 12.19 -2.33
C LEU B 34 -45.02 11.74 -2.33
N TYR B 35 -45.87 12.46 -3.07
CA TYR B 35 -47.26 12.04 -3.36
C TYR B 35 -47.30 10.59 -3.90
N ASP B 36 -46.48 10.30 -4.91
CA ASP B 36 -46.33 8.94 -5.44
C ASP B 36 -45.93 7.91 -4.38
N PHE B 37 -44.92 8.24 -3.56
CA PHE B 37 -44.45 7.34 -2.49
C PHE B 37 -45.55 7.03 -1.46
N LEU B 38 -46.29 8.08 -1.04
CA LEU B 38 -47.36 7.90 -0.06
C LEU B 38 -48.56 7.06 -0.54
N ASN B 39 -48.89 7.17 -1.83
CA ASN B 39 -50.13 6.60 -2.35
C ASN B 39 -49.99 5.29 -3.14
N HIS B 40 -48.80 4.96 -3.64
CA HIS B 40 -48.64 3.70 -4.39
C HIS B 40 -47.73 2.70 -3.72
N ASP B 41 -48.28 1.54 -3.31
CA ASP B 41 -47.47 0.42 -2.78
C ASP B 41 -46.28 0.13 -3.69
N GLY B 42 -45.09 -0.06 -3.08
CA GLY B 42 -43.89 -0.43 -3.84
C GLY B 42 -43.23 0.67 -4.67
N LYS B 43 -43.85 1.86 -4.74
CA LYS B 43 -43.18 2.98 -5.38
C LYS B 43 -42.06 3.46 -4.43
N THR B 44 -40.86 3.63 -4.97
CA THR B 44 -39.70 4.01 -4.18
C THR B 44 -39.18 5.34 -4.69
N PHE B 45 -38.53 6.11 -3.81
CA PHE B 45 -37.84 7.32 -4.23
C PHE B 45 -36.64 6.94 -5.09
N ASN B 46 -36.24 7.85 -5.97
CA ASN B 46 -35.08 7.62 -6.79
C ASN B 46 -33.77 7.50 -5.94
N GLU B 47 -33.64 8.35 -4.91
CA GLU B 47 -32.52 8.29 -3.98
C GLU B 47 -32.99 7.92 -2.58
N PHE B 48 -32.33 6.92 -2.00
CA PHE B 48 -32.74 6.38 -0.69
C PHE B 48 -32.66 7.39 0.43
N SER B 49 -31.83 8.39 0.23
CA SER B 49 -31.70 9.46 1.18
C SER B 49 -33.01 10.21 1.46
N SER B 50 -33.93 10.22 0.48
CA SER B 50 -35.19 10.93 0.61
C SER B 50 -36.03 10.36 1.78
N ILE B 51 -36.18 9.04 1.83
CA ILE B 51 -36.92 8.38 2.90
C ILE B 51 -36.17 8.52 4.25
N VAL B 52 -34.87 8.27 4.24
CA VAL B 52 -34.06 8.40 5.46
C VAL B 52 -34.21 9.80 6.07
N ASN B 53 -34.00 10.82 5.24
CA ASN B 53 -34.05 12.19 5.72
C ASN B 53 -35.42 12.57 6.30
N ILE B 54 -36.50 12.04 5.73
CA ILE B 54 -37.84 12.33 6.22
C ILE B 54 -38.03 11.66 7.58
N VAL B 55 -37.61 10.40 7.68
CA VAL B 55 -37.69 9.67 8.95
C VAL B 55 -36.88 10.37 10.06
N LYS B 56 -35.65 10.78 9.76
CA LYS B 56 -34.84 11.52 10.74
C LYS B 56 -35.43 12.87 11.16
N SER B 57 -36.01 13.59 10.20
CA SER B 57 -36.66 14.87 10.48
C SER B 57 -37.98 14.74 11.27
N GLN B 58 -38.80 13.75 10.93
CA GLN B 58 -40.17 13.69 11.40
C GLN B 58 -40.37 12.70 12.53
N TYR B 59 -39.66 11.55 12.49
CA TYR B 59 -39.77 10.49 13.53
C TYR B 59 -38.43 10.09 14.12
N PRO B 60 -37.64 11.09 14.61
CA PRO B 60 -36.24 10.73 14.99
C PRO B 60 -36.14 9.57 15.98
N ASP B 61 -37.08 9.49 16.92
CA ASP B 61 -37.10 8.42 17.97
C ASP B 61 -37.72 7.10 17.52
N ARG B 62 -38.23 7.03 16.28
CA ARG B 62 -38.82 5.77 15.82
C ARG B 62 -38.09 5.20 14.61
N GLU B 63 -36.87 5.71 14.37
CA GLU B 63 -36.16 5.43 13.14
C GLU B 63 -35.98 3.92 12.88
N TYR B 64 -35.41 3.21 13.86
CA TYR B 64 -35.24 1.76 13.74
C TYR B 64 -36.59 1.06 13.46
N GLU B 65 -37.56 1.24 14.36
CA GLU B 65 -38.90 0.63 14.24
C GLU B 65 -39.44 0.83 12.81
N LEU B 66 -39.44 2.06 12.34
CA LEU B 66 -40.03 2.37 11.03
C LEU B 66 -39.20 1.87 9.85
N MSE B 67 -37.87 1.95 9.93
CA MSE B 67 -37.03 1.56 8.80
C MSE B 67 -36.88 0.06 8.73
O MSE B 67 -36.71 -0.47 7.64
CB MSE B 67 -35.67 2.26 8.79
CG MSE B 67 -35.78 3.77 8.61
SE MSE B 67 -36.41 4.13 6.76
CE MSE B 67 -34.80 3.50 5.79
N LYS B 68 -36.99 -0.64 9.85
CA LYS B 68 -37.00 -2.10 9.87
C LYS B 68 -38.20 -2.62 9.07
N ASP B 69 -39.38 -2.15 9.46
CA ASP B 69 -40.63 -2.48 8.77
C ASP B 69 -40.54 -2.10 7.27
N TYR B 70 -40.11 -0.86 6.96
CA TYR B 70 -39.93 -0.43 5.57
C TYR B 70 -38.92 -1.24 4.74
N CYS B 71 -37.70 -1.45 5.24
CA CYS B 71 -36.67 -2.16 4.50
C CYS B 71 -37.02 -3.63 4.25
N LEU B 72 -37.68 -4.25 5.23
CA LEU B 72 -38.01 -5.68 5.14
C LEU B 72 -39.21 -5.97 4.24
N ASN B 73 -39.89 -4.92 3.78
CA ASN B 73 -40.96 -5.00 2.79
C ASN B 73 -40.55 -4.59 1.37
N LEU B 74 -39.31 -4.20 1.17
CA LEU B 74 -38.84 -3.80 -0.16
C LEU B 74 -38.59 -5.04 -1.01
N ASP B 75 -38.83 -4.88 -2.31
CA ASP B 75 -38.45 -5.86 -3.30
C ASP B 75 -36.93 -5.84 -3.45
N VAL B 76 -36.30 -6.96 -3.09
CA VAL B 76 -34.83 -7.08 -2.92
C VAL B 76 -34.07 -6.89 -4.24
N LYS B 77 -34.84 -6.88 -5.34
CA LYS B 77 -34.27 -6.80 -6.67
C LYS B 77 -34.09 -5.33 -7.06
N THR B 78 -34.59 -4.39 -6.24
CA THR B 78 -34.54 -2.95 -6.56
C THR B 78 -33.26 -2.24 -6.02
N LYS B 79 -33.00 -1.08 -6.61
CA LYS B 79 -32.01 -0.10 -6.15
C LYS B 79 -32.31 0.37 -4.72
N ALA B 80 -33.58 0.53 -4.35
CA ALA B 80 -33.95 0.86 -2.97
C ALA B 80 -33.49 -0.22 -1.97
N ALA B 81 -33.58 -1.48 -2.35
CA ALA B 81 -33.16 -2.56 -1.45
C ALA B 81 -31.64 -2.63 -1.35
N ARG B 82 -30.96 -2.36 -2.45
CA ARG B 82 -29.50 -2.28 -2.48
C ARG B 82 -29.04 -1.15 -1.56
N SER B 83 -29.68 0.01 -1.71
CA SER B 83 -29.52 1.13 -0.79
C SER B 83 -29.77 0.70 0.65
N ALA B 84 -30.86 -0.05 0.88
CA ALA B 84 -31.24 -0.52 2.22
C ALA B 84 -30.19 -1.38 2.89
N LEU B 85 -29.49 -2.21 2.12
CA LEU B 85 -28.43 -3.06 2.63
C LEU B 85 -27.31 -2.22 3.22
N GLU B 86 -26.83 -1.23 2.46
CA GLU B 86 -25.83 -0.27 2.92
C GLU B 86 -26.36 0.53 4.14
N TYR B 87 -27.60 1.04 4.07
CA TYR B 87 -28.24 1.69 5.22
C TYR B 87 -28.15 0.81 6.47
N ALA B 88 -28.46 -0.48 6.32
CA ALA B 88 -28.51 -1.40 7.45
C ALA B 88 -27.11 -1.66 8.01
N ASP B 89 -26.14 -1.89 7.13
CA ASP B 89 -24.76 -2.11 7.56
C ASP B 89 -24.16 -0.87 8.18
N ALA B 90 -24.36 0.28 7.56
CA ALA B 90 -23.81 1.53 8.08
C ALA B 90 -24.31 1.80 9.50
N ASN B 91 -25.57 1.50 9.80
CA ASN B 91 -26.16 1.74 11.14
C ASN B 91 -26.05 0.52 12.06
N MSE B 92 -25.38 -0.54 11.58
CA MSE B 92 -25.17 -1.79 12.36
C MSE B 92 -26.49 -2.39 12.76
O MSE B 92 -26.63 -2.92 13.86
CB MSE B 92 -24.25 -1.57 13.58
CG MSE B 92 -22.89 -0.99 13.14
SE MSE B 92 -21.71 -0.76 14.70
CE MSE B 92 -20.08 -1.45 13.78
N PHE B 93 -27.48 -2.32 11.87
CA PHE B 93 -28.79 -2.95 12.09
C PHE B 93 -28.67 -4.37 11.54
N PHE B 94 -28.04 -5.25 12.32
CA PHE B 94 -27.71 -6.60 11.80
C PHE B 94 -28.89 -7.51 11.46
N GLU B 95 -29.99 -7.35 12.18
CA GLU B 95 -31.19 -8.10 11.86
C GLU B 95 -31.76 -7.76 10.51
N ILE B 96 -31.88 -6.47 10.21
CA ILE B 96 -32.28 -6.03 8.87
C ILE B 96 -31.29 -6.55 7.83
N GLU B 97 -30.01 -6.28 8.04
CA GLU B 97 -28.97 -6.61 7.04
C GLU B 97 -28.93 -8.08 6.64
N ASP B 98 -28.99 -8.97 7.63
CA ASP B 98 -28.81 -10.41 7.40
C ASP B 98 -29.99 -11.02 6.70
N VAL B 99 -31.18 -10.46 6.91
CA VAL B 99 -32.38 -10.87 6.17
C VAL B 99 -32.31 -10.41 4.70
N LEU B 100 -31.91 -9.15 4.47
CA LEU B 100 -31.69 -8.62 3.14
C LEU B 100 -30.66 -9.44 2.37
N ILE B 101 -29.52 -9.71 3.01
CA ILE B 101 -28.43 -10.49 2.41
C ILE B 101 -28.92 -11.88 1.91
N ASP B 102 -29.64 -12.56 2.79
CA ASP B 102 -30.13 -13.89 2.52
C ASP B 102 -31.15 -13.94 1.36
N SER B 103 -32.09 -13.02 1.35
CA SER B 103 -32.97 -12.78 0.20
C SER B 103 -32.17 -12.49 -1.06
N MSE B 104 -31.14 -11.66 -0.97
CA MSE B 104 -30.44 -11.21 -2.16
C MSE B 104 -29.51 -12.24 -2.76
O MSE B 104 -29.29 -12.21 -3.97
CB MSE B 104 -29.64 -9.97 -1.83
CG MSE B 104 -30.43 -8.70 -2.10
SE MSE B 104 -29.82 -7.16 -1.00
CE MSE B 104 -28.91 -6.13 -2.37
N ILE B 105 -28.93 -13.14 -1.94
CA ILE B 105 -28.03 -14.20 -2.44
C ILE B 105 -28.71 -15.03 -3.53
N SER B 106 -29.99 -15.32 -3.33
CA SER B 106 -30.70 -16.24 -4.19
C SER B 106 -31.84 -15.60 -5.00
N CYS B 107 -31.68 -14.31 -5.34
CA CYS B 107 -32.66 -13.64 -6.18
C CYS B 107 -32.17 -13.55 -7.64
N SER B 108 -33.11 -13.23 -8.54
CA SER B 108 -32.88 -13.22 -10.00
C SER B 108 -32.12 -11.99 -10.54
N ASN B 109 -32.01 -10.92 -9.75
CA ASN B 109 -31.29 -9.71 -10.16
C ASN B 109 -29.79 -9.81 -9.84
N MSE B 110 -28.94 -9.60 -10.84
CA MSE B 110 -27.49 -9.85 -10.73
C MSE B 110 -26.74 -8.81 -9.90
O MSE B 110 -25.75 -9.15 -9.23
CB MSE B 110 -26.87 -10.06 -12.10
CG MSE B 110 -27.37 -11.34 -12.82
SE MSE B 110 -27.10 -13.03 -11.77
CE MSE B 110 -28.81 -13.35 -10.84
N LYS B 111 -27.19 -7.56 -9.93
CA LYS B 111 -26.64 -6.52 -9.09
C LYS B 111 -26.93 -6.84 -7.60
N SER B 112 -28.20 -7.04 -7.25
CA SER B 112 -28.56 -7.44 -5.89
C SER B 112 -27.86 -8.72 -5.38
N LYS B 113 -27.64 -9.70 -6.27
CA LYS B 113 -26.91 -10.92 -5.92
C LYS B 113 -25.44 -10.64 -5.53
N GLU B 114 -24.78 -9.78 -6.30
CA GLU B 114 -23.38 -9.42 -6.06
C GLU B 114 -23.23 -8.58 -4.73
N TYR B 115 -24.09 -7.57 -4.54
CA TYR B 115 -24.12 -6.82 -3.28
C TYR B 115 -24.28 -7.76 -2.10
N GLY B 116 -25.28 -8.65 -2.18
CA GLY B 116 -25.56 -9.61 -1.14
C GLY B 116 -24.35 -10.45 -0.76
N LYS B 117 -23.62 -10.91 -1.77
CA LYS B 117 -22.50 -11.81 -1.57
C LYS B 117 -21.27 -11.11 -1.01
N VAL B 118 -20.99 -9.89 -1.47
CA VAL B 118 -19.91 -9.09 -0.89
C VAL B 118 -20.20 -8.72 0.59
N TYR B 119 -21.39 -8.19 0.88
CA TYR B 119 -21.81 -7.92 2.26
C TYR B 119 -21.79 -9.16 3.17
N LYS B 120 -22.12 -10.33 2.61
CA LYS B 120 -22.04 -11.60 3.37
C LYS B 120 -20.60 -11.89 3.76
N ILE B 121 -19.68 -11.64 2.85
CA ILE B 121 -18.24 -11.81 3.13
C ILE B 121 -17.77 -10.87 4.26
N HIS B 122 -18.26 -9.63 4.22
CA HIS B 122 -17.97 -8.63 5.28
C HIS B 122 -18.56 -9.08 6.61
N ARG B 123 -19.79 -9.61 6.59
CA ARG B 123 -20.42 -10.02 7.84
C ARG B 123 -19.67 -11.18 8.47
N GLU B 124 -19.27 -12.14 7.64
CA GLU B 124 -18.54 -13.30 8.10
C GLU B 124 -17.14 -12.95 8.58
N LEU B 125 -16.43 -12.10 7.83
CA LEU B 125 -15.07 -11.70 8.19
C LEU B 125 -15.06 -10.97 9.52
N SER B 126 -16.02 -10.07 9.71
CA SER B 126 -16.04 -9.31 10.94
C SER B 126 -16.57 -10.11 12.13
N ASN B 127 -17.24 -11.24 11.88
CA ASN B 127 -17.61 -12.14 12.98
C ASN B 127 -16.63 -13.30 13.23
N SER B 128 -15.45 -13.24 12.60
CA SER B 128 -14.42 -14.30 12.65
C SER B 128 -14.93 -15.69 12.25
N VAL B 129 -15.99 -15.71 11.43
CA VAL B 129 -16.54 -16.93 10.84
C VAL B 129 -15.61 -17.39 9.71
N ILE B 130 -14.91 -16.46 9.05
CA ILE B 130 -13.87 -16.78 8.05
C ILE B 130 -12.59 -15.96 8.30
N THR B 131 -11.47 -16.38 7.71
CA THR B 131 -10.22 -15.62 7.82
C THR B 131 -10.13 -14.59 6.70
N GLU B 132 -9.12 -13.69 6.77
CA GLU B 132 -8.80 -12.78 5.68
C GLU B 132 -8.53 -13.58 4.41
N PHE B 133 -7.63 -14.58 4.48
CA PHE B 133 -7.30 -15.42 3.32
C PHE B 133 -8.56 -15.97 2.63
N GLU B 134 -9.45 -16.61 3.42
CA GLU B 134 -10.71 -17.16 2.89
C GLU B 134 -11.58 -16.07 2.27
N ALA B 135 -11.70 -14.92 2.94
CA ALA B 135 -12.43 -13.76 2.40
C ALA B 135 -11.87 -13.22 1.08
N VAL B 136 -10.53 -13.11 0.97
CA VAL B 136 -9.89 -12.56 -0.25
C VAL B 136 -10.11 -13.51 -1.42
N LYS B 137 -10.06 -14.81 -1.13
CA LYS B 137 -10.30 -15.87 -2.09
C LYS B 137 -11.76 -15.81 -2.60
N ARG B 138 -12.74 -15.78 -1.68
CA ARG B 138 -14.17 -15.74 -2.03
C ARG B 138 -14.58 -14.53 -2.87
N LEU B 139 -13.91 -13.41 -2.58
CA LEU B 139 -14.06 -12.15 -3.31
C LEU B 139 -13.50 -12.24 -4.72
N GLY B 140 -12.29 -12.81 -4.85
CA GLY B 140 -11.66 -13.15 -6.13
C GLY B 140 -12.59 -14.01 -7.00
N LYS B 141 -13.11 -15.10 -6.43
CA LYS B 141 -14.05 -16.03 -7.10
C LYS B 141 -15.35 -15.38 -7.62
N LEU B 142 -15.90 -14.39 -6.91
CA LEU B 142 -16.99 -13.55 -7.46
C LEU B 142 -16.26 -12.67 -8.46
N ASN B 143 -16.75 -12.50 -9.67
CA ASN B 143 -15.98 -11.64 -10.56
C ASN B 143 -16.70 -10.35 -10.54
N ILE B 144 -16.33 -9.48 -9.60
CA ILE B 144 -17.09 -8.28 -9.26
C ILE B 144 -17.17 -7.29 -10.42
N LYS B 145 -18.39 -6.90 -10.77
CA LYS B 145 -18.63 -5.99 -11.92
C LYS B 145 -18.80 -4.53 -11.47
N THR B 146 -19.60 -4.29 -10.41
CA THR B 146 -19.97 -2.94 -9.98
C THR B 146 -18.80 -2.16 -9.37
N PRO B 147 -18.69 -0.85 -9.69
CA PRO B 147 -17.72 -0.02 -8.97
C PRO B 147 -18.07 0.09 -7.44
N GLU B 148 -19.35 0.04 -7.08
CA GLU B 148 -19.77 -0.04 -5.66
C GLU B 148 -19.12 -1.21 -4.89
N MSE B 149 -19.27 -2.44 -5.39
CA MSE B 149 -18.73 -3.60 -4.67
C MSE B 149 -17.24 -3.66 -4.79
O MSE B 149 -16.57 -4.30 -3.96
CB MSE B 149 -19.36 -4.93 -5.04
CG MSE B 149 -20.82 -4.96 -4.64
SE MSE B 149 -21.10 -4.49 -2.70
CE MSE B 149 -21.91 -2.72 -2.99
N ASN B 150 -16.69 -2.99 -5.79
CA ASN B 150 -15.26 -2.91 -5.93
C ASN B 150 -14.69 -2.07 -4.81
N SER B 151 -15.36 -0.96 -4.51
CA SER B 151 -15.09 -0.14 -3.37
C SER B 151 -15.29 -0.90 -2.07
N PHE B 152 -16.43 -1.56 -1.91
CA PHE B 152 -16.74 -2.14 -0.62
C PHE B 152 -15.85 -3.33 -0.26
N SER B 153 -15.41 -4.08 -1.28
CA SER B 153 -14.49 -5.21 -1.07
C SER B 153 -13.16 -4.71 -0.46
N ARG B 154 -12.78 -3.47 -0.77
CA ARG B 154 -11.64 -2.85 -0.12
C ARG B 154 -11.97 -2.29 1.26
N LEU B 155 -13.11 -1.64 1.39
CA LEU B 155 -13.57 -1.17 2.72
C LEU B 155 -13.65 -2.30 3.75
N LEU B 156 -14.21 -3.46 3.37
CA LEU B 156 -14.37 -4.58 4.31
C LEU B 156 -13.00 -5.07 4.85
N LEU B 157 -11.96 -4.98 4.02
CA LEU B 157 -10.61 -5.35 4.47
C LEU B 157 -10.04 -4.31 5.44
N LEU B 158 -10.28 -3.04 5.13
CA LEU B 158 -9.89 -1.95 6.02
C LEU B 158 -10.46 -2.13 7.41
N TYR B 159 -11.75 -2.42 7.51
CA TYR B 159 -12.36 -2.64 8.84
C TYR B 159 -11.70 -3.82 9.57
N HIS B 160 -11.41 -4.88 8.83
CA HIS B 160 -10.74 -6.05 9.40
C HIS B 160 -9.37 -5.73 9.98
N TYR B 161 -8.56 -5.01 9.20
CA TYR B 161 -7.24 -4.57 9.65
C TYR B 161 -7.32 -3.64 10.86
N LEU B 162 -8.29 -2.72 10.87
CA LEU B 162 -8.46 -1.82 11.99
C LEU B 162 -8.78 -2.62 13.26
N SER B 163 -9.71 -3.56 13.17
CA SER B 163 -10.06 -4.23 14.41
C SER B 163 -9.08 -5.34 14.86
N THR B 164 -8.15 -5.76 14.00
CA THR B 164 -7.13 -6.75 14.40
C THR B 164 -5.75 -6.13 14.72
N GLY B 165 -5.69 -4.81 14.83
CA GLY B 165 -4.42 -4.10 15.14
C GLY B 165 -3.35 -4.18 14.07
N ASN B 166 -3.75 -4.45 12.84
CA ASN B 166 -2.82 -4.59 11.74
C ASN B 166 -2.85 -3.33 10.89
N PHE B 167 -2.18 -2.28 11.35
CA PHE B 167 -2.33 -0.98 10.70
C PHE B 167 -1.47 -0.74 9.46
N SER B 168 -0.35 -1.44 9.31
CA SER B 168 0.57 -1.26 8.11
C SER B 168 -0.11 -1.17 6.76
N PRO B 169 -0.94 -2.16 6.37
CA PRO B 169 -1.48 -2.09 4.98
C PRO B 169 -2.50 -0.97 4.70
N MSE B 170 -3.02 -0.28 5.75
CA MSE B 170 -4.25 0.54 5.62
C MSE B 170 -4.05 1.76 4.76
O MSE B 170 -4.91 2.03 3.87
CB MSE B 170 -4.81 0.95 6.97
CG MSE B 170 -5.42 -0.27 7.65
SE MSE B 170 -6.17 0.27 9.41
CE MSE B 170 -7.76 1.18 8.65
N ALA B 171 -2.94 2.47 4.96
CA ALA B 171 -2.69 3.73 4.26
C ALA B 171 -2.76 3.60 2.74
N GLN B 172 -2.08 2.57 2.20
CA GLN B 172 -2.06 2.36 0.75
C GLN B 172 -3.31 1.68 0.22
N LEU B 173 -3.93 0.81 1.00
CA LEU B 173 -5.17 0.16 0.54
C LEU B 173 -6.28 1.19 0.35
N ILE B 174 -6.37 2.21 1.22
CA ILE B 174 -7.45 3.21 1.11
C ILE B 174 -7.32 4.09 -0.15
N LYS B 175 -6.08 4.34 -0.59
CA LYS B 175 -5.79 5.14 -1.79
C LYS B 175 -6.33 4.48 -3.05
N GLN B 176 -6.51 3.17 -3.02
CA GLN B 176 -6.99 2.46 -4.16
C GLN B 176 -8.48 2.71 -4.38
N ILE B 177 -9.18 3.22 -3.35
CA ILE B 177 -10.64 3.38 -3.45
C ILE B 177 -10.93 4.61 -4.28
N ASP B 178 -11.74 4.44 -5.34
CA ASP B 178 -12.16 5.58 -6.16
C ASP B 178 -13.68 5.73 -6.19
N LEU B 179 -14.19 6.58 -5.29
CA LEU B 179 -15.63 6.75 -5.14
C LEU B 179 -16.35 7.47 -6.32
N SER B 180 -15.59 8.28 -7.07
CA SER B 180 -16.13 8.99 -8.23
C SER B 180 -16.58 8.06 -9.37
N GLU B 181 -16.13 6.80 -9.37
CA GLU B 181 -16.63 5.82 -10.34
C GLU B 181 -18.03 5.24 -10.01
N ILE B 182 -18.62 5.63 -8.87
CA ILE B 182 -19.97 5.20 -8.51
C ILE B 182 -20.93 6.27 -9.02
N SER B 183 -21.75 5.90 -10.01
CA SER B 183 -22.63 6.90 -10.68
C SER B 183 -24.16 6.68 -10.54
N GLU B 184 -24.59 5.43 -10.49
CA GLU B 184 -26.01 5.06 -10.29
C GLU B 184 -26.53 5.55 -8.90
N ASN B 185 -25.91 5.09 -7.82
CA ASN B 185 -26.48 5.17 -6.47
C ASN B 185 -25.82 6.20 -5.54
N MSE B 186 -26.45 7.36 -5.37
CA MSE B 186 -25.82 8.48 -4.60
C MSE B 186 -25.86 8.22 -3.13
O MSE B 186 -24.96 8.66 -2.41
CB MSE B 186 -26.39 9.90 -4.89
CG MSE B 186 -26.14 10.40 -6.32
SE MSE B 186 -24.22 10.54 -6.83
CE MSE B 186 -23.77 8.79 -7.63
N TYR B 187 -26.85 7.48 -2.63
CA TYR B 187 -26.89 7.16 -1.22
C TYR B 187 -25.66 6.32 -0.84
N ILE B 188 -25.39 5.27 -1.65
CA ILE B 188 -24.22 4.43 -1.46
C ILE B 188 -22.93 5.25 -1.63
N ARG B 189 -22.84 6.07 -2.68
CA ARG B 189 -21.65 6.85 -2.87
C ARG B 189 -21.36 7.78 -1.70
N ASN B 190 -22.40 8.48 -1.22
CA ASN B 190 -22.25 9.44 -0.12
C ASN B 190 -21.94 8.81 1.24
N THR B 191 -22.66 7.76 1.61
CA THR B 191 -22.34 6.92 2.78
C THR B 191 -20.92 6.35 2.74
N TYR B 192 -20.50 5.79 1.60
CA TYR B 192 -19.11 5.32 1.43
C TYR B 192 -18.12 6.46 1.62
N GLN B 193 -18.49 7.67 1.18
CA GLN B 193 -17.61 8.81 1.39
C GLN B 193 -17.42 9.05 2.90
N THR B 194 -18.51 8.94 3.67
CA THR B 194 -18.45 9.09 5.13
C THR B 194 -17.55 8.00 5.74
N ARG B 195 -17.77 6.76 5.33
CA ARG B 195 -16.90 5.64 5.74
C ARG B 195 -15.43 5.93 5.48
N VAL B 196 -15.11 6.47 4.32
CA VAL B 196 -13.71 6.72 3.95
C VAL B 196 -13.14 7.80 4.84
N HIS B 197 -13.92 8.86 5.11
CA HIS B 197 -13.47 9.90 6.03
C HIS B 197 -13.17 9.37 7.40
N VAL B 198 -14.03 8.51 7.95
CA VAL B 198 -13.81 8.02 9.29
C VAL B 198 -12.60 7.09 9.34
N LEU B 199 -12.46 6.23 8.34
CA LEU B 199 -11.30 5.36 8.23
C LEU B 199 -10.02 6.17 8.07
N MSE B 200 -10.05 7.18 7.18
CA MSE B 200 -8.89 8.06 7.00
C MSE B 200 -8.45 8.70 8.31
O MSE B 200 -7.25 8.83 8.62
CB MSE B 200 -9.20 9.21 6.04
CG MSE B 200 -8.85 9.07 4.57
SE MSE B 200 -6.95 8.49 4.41
CE MSE B 200 -5.96 10.19 4.53
N SER B 201 -9.44 9.10 9.11
CA SER B 201 -9.19 9.74 10.40
C SER B 201 -8.41 8.76 11.30
N ASN B 202 -8.86 7.49 11.34
CA ASN B 202 -8.17 6.44 12.09
C ASN B 202 -6.77 6.16 11.57
N ILE B 203 -6.60 6.15 10.25
CA ILE B 203 -5.28 5.93 9.66
C ILE B 203 -4.34 7.06 10.05
N LYS B 204 -4.82 8.30 10.07
CA LYS B 204 -3.97 9.43 10.46
C LYS B 204 -3.65 9.43 11.94
N LEU B 205 -4.58 8.96 12.76
CA LEU B 205 -4.34 8.80 14.20
C LEU B 205 -3.17 7.83 14.40
N ASN B 206 -3.25 6.67 13.74
CA ASN B 206 -2.22 5.66 13.86
C ASN B 206 -0.87 6.08 13.29
N GLU B 207 -0.86 7.07 12.41
CA GLU B 207 0.38 7.65 11.89
C GLU B 207 0.84 8.81 12.74
N ASN B 208 0.10 9.14 13.79
CA ASN B 208 0.43 10.31 14.61
C ASN B 208 0.40 11.66 13.86
N SER B 209 -0.43 11.78 12.81
CA SER B 209 -0.79 13.11 12.25
C SER B 209 -2.12 13.55 12.82
N LEU B 210 -2.09 14.28 13.91
CA LEU B 210 -3.28 14.42 14.71
C LEU B 210 -4.20 15.54 14.26
N GLU B 211 -3.65 16.61 13.72
CA GLU B 211 -4.51 17.70 13.16
C GLU B 211 -5.25 17.15 11.99
N GLU B 212 -4.56 16.36 11.16
CA GLU B 212 -5.17 15.72 10.01
C GLU B 212 -6.21 14.71 10.40
N CYS B 213 -5.90 13.92 11.44
CA CYS B 213 -6.89 13.01 12.03
C CYS B 213 -8.18 13.78 12.36
N ARG B 214 -8.03 14.89 13.08
CA ARG B 214 -9.18 15.65 13.50
C ARG B 214 -9.94 16.25 12.32
N GLU B 215 -9.22 16.75 11.29
CA GLU B 215 -9.87 17.28 10.07
C GLU B 215 -10.76 16.27 9.38
N TYR B 216 -10.27 15.05 9.23
CA TYR B 216 -11.06 14.01 8.60
C TYR B 216 -12.31 13.63 9.37
N SER B 217 -12.24 13.64 10.70
CA SER B 217 -13.42 13.34 11.52
C SER B 217 -14.43 14.47 11.45
N LYS B 218 -13.92 15.72 11.37
N LYS B 218 -13.93 15.72 11.35
CA LYS B 218 -14.78 16.90 11.21
CA LYS B 218 -14.78 16.90 11.21
C LYS B 218 -15.51 16.80 9.88
C LYS B 218 -15.51 16.86 9.85
N LYS B 219 -14.79 16.42 8.81
CA LYS B 219 -15.41 16.18 7.48
C LYS B 219 -16.43 15.04 7.53
N ALA B 220 -16.12 13.97 8.28
CA ALA B 220 -17.12 12.91 8.49
C ALA B 220 -18.39 13.47 9.12
N LEU B 221 -18.26 14.20 10.22
CA LEU B 221 -19.42 14.80 10.89
C LEU B 221 -20.27 15.67 9.98
N GLU B 222 -19.66 16.58 9.22
CA GLU B 222 -20.37 17.44 8.27
C GLU B 222 -21.06 16.67 7.16
N SER B 223 -20.53 15.52 6.78
CA SER B 223 -21.08 14.79 5.65
C SER B 223 -22.24 13.87 6.02
N THR B 224 -22.59 13.77 7.30
CA THR B 224 -23.45 12.64 7.71
C THR B 224 -24.52 12.97 8.73
N ASN B 225 -25.54 12.12 8.75
CA ASN B 225 -26.58 12.22 9.76
C ASN B 225 -26.75 10.83 10.38
N ILE B 226 -25.78 9.95 10.18
CA ILE B 226 -25.85 8.57 10.70
C ILE B 226 -25.10 8.42 12.05
N LEU B 227 -25.80 7.93 13.09
CA LEU B 227 -25.27 7.85 14.46
C LEU B 227 -23.95 7.09 14.54
N ARG B 228 -23.91 5.91 13.91
CA ARG B 228 -22.68 5.12 13.86
C ARG B 228 -21.45 5.94 13.45
N PHE B 229 -21.58 6.80 12.44
CA PHE B 229 -20.42 7.57 11.98
C PHE B 229 -20.07 8.75 12.86
N GLN B 230 -21.09 9.35 13.46
CA GLN B 230 -20.92 10.40 14.41
C GLN B 230 -20.20 9.87 15.65
N VAL B 231 -20.67 8.73 16.17
CA VAL B 231 -20.00 8.01 17.28
C VAL B 231 -18.51 7.81 17.01
N PHE B 232 -18.17 7.25 15.86
CA PHE B 232 -16.75 6.97 15.59
C PHE B 232 -15.94 8.23 15.28
N SER B 233 -16.59 9.29 14.83
CA SER B 233 -15.88 10.56 14.67
C SER B 233 -15.51 11.14 16.06
N TYR B 234 -16.50 11.29 16.96
CA TYR B 234 -16.21 11.74 18.32
C TYR B 234 -15.20 10.82 19.03
N LEU B 235 -15.30 9.50 18.81
CA LEU B 235 -14.32 8.59 19.43
C LEU B 235 -12.92 8.89 18.93
N THR B 236 -12.79 9.09 17.62
CA THR B 236 -11.47 9.25 17.04
C THR B 236 -10.89 10.61 17.38
N ILE B 237 -11.72 11.66 17.40
CA ILE B 237 -11.24 13.00 17.77
C ILE B 237 -10.77 12.98 19.21
N GLY B 238 -11.56 12.39 20.10
CA GLY B 238 -11.16 12.28 21.51
C GLY B 238 -9.88 11.50 21.67
N ASN B 239 -9.79 10.36 20.96
CA ASN B 239 -8.58 9.55 20.97
C ASN B 239 -7.37 10.38 20.58
N SER B 240 -7.50 11.21 19.56
CA SER B 240 -6.36 11.99 19.07
C SER B 240 -5.82 12.96 20.11
N LEU B 241 -6.64 13.27 21.11
CA LEU B 241 -6.29 14.21 22.16
C LEU B 241 -5.86 13.52 23.46
N LEU B 242 -5.76 12.19 23.46
CA LEU B 242 -5.46 11.42 24.67
C LEU B 242 -4.20 11.84 25.42
N PHE B 243 -3.17 12.30 24.70
CA PHE B 243 -1.91 12.73 25.35
C PHE B 243 -1.78 14.23 25.54
N SER B 244 -2.57 15.02 24.83
CA SER B 244 -2.28 16.43 24.77
C SER B 244 -3.32 17.30 25.46
N ASN B 245 -4.53 16.79 25.68
CA ASN B 245 -5.59 17.64 26.24
C ASN B 245 -6.69 16.84 26.88
N TYR B 246 -6.53 16.57 28.16
CA TYR B 246 -7.47 15.76 28.92
C TYR B 246 -8.94 16.29 28.78
N GLU B 247 -9.09 17.61 28.93
CA GLU B 247 -10.39 18.24 28.98
C GLU B 247 -11.11 18.12 27.62
N LEU B 248 -10.39 18.33 26.55
CA LEU B 248 -10.95 18.31 25.22
C LEU B 248 -11.22 16.86 24.78
N ALA B 249 -10.38 15.93 25.21
CA ALA B 249 -10.66 14.49 24.95
C ALA B 249 -11.94 14.11 25.63
N GLN B 250 -12.05 14.48 26.90
CA GLN B 250 -13.22 14.19 27.69
C GLN B 250 -14.47 14.83 27.10
N GLU B 251 -14.35 16.08 26.64
CA GLU B 251 -15.50 16.73 26.02
C GLU B 251 -15.99 15.96 24.78
N ASN B 252 -15.06 15.41 23.99
CA ASN B 252 -15.47 14.65 22.81
C ASN B 252 -16.12 13.31 23.16
N PHE B 253 -15.54 12.60 24.11
CA PHE B 253 -16.09 11.32 24.56
C PHE B 253 -17.47 11.52 25.20
N LEU B 254 -17.61 12.56 26.04
CA LEU B 254 -18.92 12.83 26.67
C LEU B 254 -19.96 13.30 25.64
N LYS B 255 -19.53 14.06 24.62
CA LYS B 255 -20.42 14.47 23.56
C LYS B 255 -20.95 13.22 22.83
N GLY B 256 -20.02 12.37 22.42
CA GLY B 256 -20.34 11.10 21.83
C GLY B 256 -21.28 10.24 22.66
N LEU B 257 -20.95 10.08 23.94
CA LEU B 257 -21.80 9.31 24.85
C LEU B 257 -23.18 9.95 24.94
N SER B 258 -23.24 11.28 24.93
CA SER B 258 -24.53 11.92 25.16
C SER B 258 -25.52 11.65 24.01
N ILE B 259 -25.06 11.52 22.78
CA ILE B 259 -25.98 11.26 21.65
C ILE B 259 -26.17 9.78 21.41
N SER B 260 -25.46 8.92 22.13
CA SER B 260 -25.51 7.51 21.79
C SER B 260 -25.77 6.52 22.94
N VAL B 261 -25.79 7.01 24.16
CA VAL B 261 -25.94 6.19 25.37
C VAL B 261 -27.07 5.16 25.33
N GLN B 262 -28.13 5.42 24.55
CA GLN B 262 -29.31 4.53 24.44
C GLN B 262 -29.02 3.25 23.67
N ASN B 263 -27.94 3.26 22.89
CA ASN B 263 -27.44 2.05 22.23
C ASN B 263 -26.33 1.39 23.07
N GLU B 264 -26.60 0.17 23.51
CA GLU B 264 -25.66 -0.62 24.33
C GLU B 264 -24.21 -0.66 23.85
N ASN B 265 -24.05 -0.90 22.56
CA ASN B 265 -22.76 -0.98 21.94
C ASN B 265 -21.95 0.32 22.02
N TYR B 266 -22.57 1.42 21.58
CA TYR B 266 -21.94 2.73 21.63
C TYR B 266 -21.71 3.19 23.07
N ASN B 267 -22.65 2.88 23.96
CA ASN B 267 -22.50 3.18 25.37
C ASN B 267 -21.19 2.53 25.91
N MSE B 268 -21.02 1.25 25.64
CA MSE B 268 -19.78 0.51 25.99
C MSE B 268 -18.54 1.15 25.40
O MSE B 268 -17.52 1.33 26.10
CB MSE B 268 -19.89 -0.93 25.46
CG MSE B 268 -18.98 -1.90 26.20
SE MSE B 268 -20.00 -2.15 27.89
CE MSE B 268 -21.65 -3.11 27.30
N ILE B 269 -18.60 1.51 24.11
CA ILE B 269 -17.42 2.09 23.43
C ILE B 269 -16.95 3.34 24.17
N PHE B 270 -17.89 4.23 24.54
CA PHE B 270 -17.47 5.44 25.22
C PHE B 270 -17.04 5.24 26.65
N GLN B 271 -17.65 4.27 27.36
CA GLN B 271 -17.09 3.84 28.63
C GLN B 271 -15.65 3.39 28.47
N GLN B 272 -15.36 2.56 27.48
CA GLN B 272 -13.99 2.17 27.29
C GLN B 272 -13.10 3.36 26.97
N ALA B 273 -13.59 4.33 26.20
CA ALA B 273 -12.77 5.51 25.82
C ALA B 273 -12.42 6.34 27.06
N LEU B 274 -13.44 6.60 27.89
CA LEU B 274 -13.27 7.41 29.08
C LEU B 274 -12.42 6.66 30.08
N CYS B 275 -12.57 5.33 30.08
CA CYS B 275 -11.76 4.47 30.93
C CYS B 275 -10.31 4.61 30.54
N PHE B 276 -10.02 4.48 29.25
CA PHE B 276 -8.65 4.69 28.84
C PHE B 276 -8.08 6.06 29.14
N LEU B 277 -8.87 7.09 28.89
CA LEU B 277 -8.38 8.44 29.11
C LEU B 277 -7.99 8.65 30.59
N ASN B 278 -8.86 8.21 31.49
CA ASN B 278 -8.63 8.46 32.90
C ASN B 278 -7.43 7.67 33.43
N ASN B 279 -7.13 6.51 32.82
CA ASN B 279 -5.92 5.80 33.18
C ASN B 279 -4.68 6.50 32.69
N VAL B 280 -4.72 6.99 31.46
CA VAL B 280 -3.56 7.67 30.91
C VAL B 280 -3.20 8.87 31.82
N TRP B 281 -4.21 9.55 32.36
CA TRP B 281 -4.00 10.75 33.17
C TRP B 281 -3.96 10.42 34.66
N ARG B 282 -4.01 9.13 34.98
CA ARG B 282 -3.91 8.58 36.33
C ARG B 282 -4.89 9.23 37.30
N LYS B 283 -6.12 9.37 36.87
CA LYS B 283 -7.17 9.96 37.67
C LYS B 283 -8.00 8.85 38.27
N GLU B 284 -8.84 9.16 39.28
CA GLU B 284 -9.83 8.16 39.75
C GLU B 284 -10.76 7.86 38.57
N ASN B 285 -11.13 6.60 38.41
CA ASN B 285 -11.65 6.12 37.16
C ASN B 285 -12.99 5.47 37.44
N LYS B 286 -14.06 6.13 37.05
CA LYS B 286 -15.39 5.54 37.32
C LYS B 286 -15.89 4.63 36.18
N TRP B 287 -15.02 4.40 35.22
CA TRP B 287 -15.40 3.77 33.96
C TRP B 287 -14.91 2.34 33.78
N ILE B 288 -14.20 1.80 34.77
CA ILE B 288 -13.66 0.43 34.70
C ILE B 288 -14.80 -0.59 34.61
N ASN B 289 -14.68 -1.56 33.74
CA ASN B 289 -15.70 -2.59 33.64
C ASN B 289 -15.19 -3.86 34.33
N PHE B 290 -15.70 -4.11 35.53
CA PHE B 290 -15.22 -5.20 36.36
C PHE B 290 -15.78 -6.53 35.95
N GLU B 291 -16.90 -6.55 35.23
CA GLU B 291 -17.55 -7.81 34.84
C GLU B 291 -16.84 -8.47 33.68
N SER B 292 -16.20 -7.68 32.82
CA SER B 292 -15.65 -8.15 31.56
C SER B 292 -14.35 -8.97 31.66
N ASP B 293 -14.21 -9.92 30.75
CA ASP B 293 -13.01 -10.75 30.66
C ASP B 293 -12.16 -10.49 29.44
N SER B 294 -12.54 -9.48 28.65
CA SER B 294 -11.77 -9.14 27.46
C SER B 294 -10.40 -8.50 27.82
N ILE B 295 -9.44 -8.71 26.93
CA ILE B 295 -8.11 -8.15 27.09
C ILE B 295 -8.20 -6.63 27.28
N MSE B 296 -8.95 -5.97 26.42
CA MSE B 296 -9.17 -4.52 26.52
C MSE B 296 -9.59 -4.05 27.92
O MSE B 296 -9.07 -3.07 28.39
CB MSE B 296 -10.20 -4.22 25.45
CG MSE B 296 -10.83 -2.89 25.77
SE MSE B 296 -10.69 -1.74 24.22
CE MSE B 296 -12.16 -2.60 23.19
N ASP B 297 -10.55 -4.72 28.58
CA ASP B 297 -11.04 -4.27 29.87
C ASP B 297 -10.14 -4.70 31.01
N LEU B 298 -9.55 -5.88 30.92
CA LEU B 298 -8.62 -6.34 31.96
C LEU B 298 -7.40 -5.46 31.98
N GLN B 299 -6.90 -5.07 30.80
CA GLN B 299 -5.75 -4.16 30.72
C GLN B 299 -6.02 -2.87 31.47
N GLU B 300 -7.22 -2.33 31.28
CA GLU B 300 -7.62 -1.10 31.99
C GLU B 300 -7.73 -1.26 33.51
N GLN B 301 -8.18 -2.43 33.99
CA GLN B 301 -8.14 -2.71 35.42
C GLN B 301 -6.72 -2.68 35.92
N ALA B 302 -5.83 -3.39 35.23
CA ALA B 302 -4.42 -3.48 35.66
C ALA B 302 -3.78 -2.10 35.64
N HIS B 303 -4.07 -1.32 34.59
CA HIS B 303 -3.53 0.02 34.48
C HIS B 303 -3.95 0.87 35.69
N CYS B 304 -5.23 0.82 36.05
CA CYS B 304 -5.75 1.59 37.19
C CYS B 304 -5.09 1.18 38.52
N PHE B 305 -5.08 -0.14 38.79
CA PHE B 305 -4.34 -0.69 39.93
C PHE B 305 -2.90 -0.21 40.02
N ILE B 306 -2.18 -0.21 38.90
CA ILE B 306 -0.81 0.28 38.90
C ILE B 306 -0.74 1.77 39.24
N ASN B 307 -1.62 2.56 38.66
CA ASN B 307 -1.64 4.00 38.94
C ASN B 307 -1.82 4.28 40.43
N PHE B 308 -2.60 3.44 41.12
CA PHE B 308 -2.88 3.62 42.55
C PHE B 308 -2.08 2.68 43.50
N ASN B 309 -0.94 2.18 43.03
CA ASN B 309 -0.06 1.30 43.80
C ASN B 309 -0.73 0.12 44.45
N GLU B 310 -1.67 -0.50 43.78
CA GLU B 310 -2.21 -1.71 44.30
C GLU B 310 -1.56 -2.81 43.49
N ASN B 311 -0.29 -3.05 43.77
CA ASN B 311 0.54 -3.86 42.88
C ASN B 311 0.17 -5.32 42.80
N SER B 312 -0.24 -5.89 43.92
CA SER B 312 -0.56 -7.31 43.87
C SER B 312 -1.91 -7.53 43.21
N LYS B 313 -2.88 -6.63 43.39
CA LYS B 313 -4.10 -6.67 42.53
C LYS B 313 -3.76 -6.51 41.02
N ALA B 314 -2.83 -5.62 40.69
CA ALA B 314 -2.33 -5.48 39.32
C ALA B 314 -1.76 -6.81 38.81
N LYS B 315 -0.89 -7.42 39.63
CA LYS B 315 -0.19 -8.66 39.26
C LYS B 315 -1.19 -9.81 38.98
N GLU B 316 -2.25 -9.91 39.78
CA GLU B 316 -3.33 -10.90 39.54
C GLU B 316 -3.96 -10.74 38.15
N VAL B 317 -4.31 -9.49 37.82
CA VAL B 317 -4.91 -9.18 36.53
C VAL B 317 -3.94 -9.53 35.39
N LEU B 318 -2.68 -9.13 35.53
CA LEU B 318 -1.68 -9.43 34.51
C LEU B 318 -1.43 -10.91 34.30
N ASP B 319 -1.53 -11.71 35.38
CA ASP B 319 -1.46 -13.19 35.29
C ASP B 319 -2.61 -13.79 34.48
N LYS B 320 -3.85 -13.36 34.74
CA LYS B 320 -4.98 -13.71 33.89
C LYS B 320 -4.68 -13.38 32.45
N LEU B 321 -4.07 -12.23 32.21
CA LEU B 321 -3.77 -11.79 30.86
C LEU B 321 -2.69 -12.63 30.19
N ASP B 322 -1.68 -13.07 30.95
CA ASP B 322 -0.61 -13.96 30.41
C ASP B 322 -1.13 -15.26 29.75
N LEU B 323 -2.34 -15.67 30.14
CA LEU B 323 -3.02 -16.87 29.65
C LEU B 323 -3.97 -16.62 28.48
N LEU B 324 -3.90 -15.43 27.89
CA LEU B 324 -4.75 -15.08 26.75
C LEU B 324 -3.83 -14.84 25.57
N VAL B 325 -4.31 -15.22 24.38
CA VAL B 325 -3.61 -14.93 23.12
C VAL B 325 -3.87 -13.45 22.72
N HIS B 326 -2.77 -12.75 22.43
CA HIS B 326 -2.80 -11.32 22.09
C HIS B 326 -2.42 -11.08 20.61
N ASN B 327 -3.09 -10.16 19.91
CA ASN B 327 -2.50 -9.66 18.69
C ASN B 327 -1.33 -8.69 19.02
N ASP B 328 -0.64 -8.18 17.99
CA ASP B 328 0.54 -7.37 18.26
C ASP B 328 0.24 -6.10 19.06
N ASN B 329 -0.83 -5.42 18.71
CA ASN B 329 -1.22 -4.16 19.37
C ASN B 329 -1.53 -4.40 20.84
N GLU B 330 -2.29 -5.46 21.13
CA GLU B 330 -2.60 -5.84 22.48
C GLU B 330 -1.38 -6.24 23.30
N LEU B 331 -0.46 -6.97 22.68
CA LEU B 331 0.75 -7.39 23.35
C LEU B 331 1.66 -6.19 23.63
N ALA B 332 1.68 -5.22 22.71
CA ALA B 332 2.43 -3.98 22.96
C ALA B 332 1.95 -3.33 24.28
N MSE B 333 0.63 -3.32 24.50
CA MSE B 333 0.05 -2.69 25.68
C MSE B 333 0.38 -3.51 26.92
O MSE B 333 0.69 -2.94 27.97
CB MSE B 333 -1.46 -2.57 25.53
CG MSE B 333 -2.15 -1.87 26.69
SE MSE B 333 -1.68 -0.01 26.87
CE MSE B 333 -2.73 0.68 25.39
N HIS B 334 0.28 -4.84 26.78
CA HIS B 334 0.66 -5.81 27.78
C HIS B 334 2.08 -5.58 28.30
N TYR B 335 3.04 -5.43 27.39
CA TYR B 335 4.40 -5.16 27.82
C TYR B 335 4.54 -3.80 28.52
N TYR B 336 3.84 -2.77 28.03
CA TYR B 336 3.83 -1.47 28.71
C TYR B 336 3.38 -1.66 30.17
N LEU B 337 2.27 -2.38 30.37
CA LEU B 337 1.76 -2.59 31.74
C LEU B 337 2.76 -3.34 32.62
N LYS B 338 3.36 -4.41 32.09
CA LYS B 338 4.42 -5.13 32.81
C LYS B 338 5.59 -4.22 33.13
N GLY B 339 5.97 -3.34 32.18
CA GLY B 339 7.02 -2.36 32.39
C GLY B 339 6.70 -1.41 33.52
N ARG B 340 5.46 -0.93 33.58
CA ARG B 340 5.08 -0.03 34.65
C ARG B 340 5.14 -0.76 36.00
N LEU B 341 4.63 -2.00 36.06
CA LEU B 341 4.56 -2.73 37.31
C LEU B 341 5.96 -3.03 37.86
N GLU B 342 6.80 -3.61 37.00
CA GLU B 342 8.14 -4.06 37.36
C GLU B 342 9.21 -2.96 37.24
N GLN B 343 8.86 -1.77 36.74
CA GLN B 343 9.83 -0.68 36.50
C GLN B 343 11.03 -1.17 35.65
N ASN B 344 10.74 -1.88 34.58
CA ASN B 344 11.77 -2.66 33.92
C ASN B 344 11.95 -2.19 32.46
N LYS B 345 13.10 -1.59 32.17
CA LYS B 345 13.40 -1.06 30.84
C LYS B 345 13.09 -2.06 29.72
N ALA B 346 13.49 -3.31 29.88
CA ALA B 346 13.29 -4.35 28.81
C ALA B 346 11.81 -4.50 28.36
N CYS B 347 10.88 -4.39 29.31
CA CYS B 347 9.46 -4.42 29.01
C CYS B 347 9.04 -3.27 28.09
N PHE B 348 9.61 -2.07 28.30
CA PHE B 348 9.33 -0.93 27.44
C PHE B 348 9.93 -1.08 26.05
N TYR B 349 11.13 -1.64 25.94
CA TYR B 349 11.68 -2.02 24.64
C TYR B 349 10.77 -2.99 23.88
N SER B 350 10.32 -4.06 24.55
CA SER B 350 9.40 -5.00 23.95
C SER B 350 8.09 -4.32 23.53
N SER B 351 7.56 -3.47 24.39
CA SER B 351 6.40 -2.70 24.07
C SER B 351 6.58 -1.91 22.74
N ILE B 352 7.70 -1.20 22.63
CA ILE B 352 8.02 -0.43 21.44
C ILE B 352 8.06 -1.35 20.21
N GLU B 353 8.74 -2.47 20.34
CA GLU B 353 8.86 -3.43 19.25
C GLU B 353 7.46 -3.89 18.74
N TYR B 354 6.52 -4.17 19.64
CA TYR B 354 5.21 -4.63 19.22
C TYR B 354 4.31 -3.50 18.67
N PHE B 355 4.41 -2.27 19.19
CA PHE B 355 3.75 -1.14 18.54
C PHE B 355 4.31 -0.93 17.13
N LYS B 356 5.62 -1.18 16.92
CA LYS B 356 6.20 -1.06 15.59
C LYS B 356 5.66 -2.14 14.66
N LYS B 357 5.50 -3.37 15.17
CA LYS B 357 4.95 -4.46 14.35
C LYS B 357 3.52 -4.12 13.93
N SER B 358 2.82 -3.48 14.84
CA SER B 358 1.44 -3.14 14.68
C SER B 358 1.28 -1.85 13.85
N ASN B 359 2.39 -1.13 13.64
CA ASN B 359 2.40 0.17 12.95
C ASN B 359 1.52 1.21 13.73
N ASP B 360 1.54 1.14 15.05
CA ASP B 360 0.82 2.10 15.89
C ASP B 360 1.80 3.18 16.31
N LYS B 361 1.77 4.32 15.65
CA LYS B 361 2.69 5.42 16.00
C LYS B 361 2.07 6.36 17.05
N PHE B 362 0.92 5.96 17.59
CA PHE B 362 0.21 6.79 18.54
C PHE B 362 0.38 6.30 19.94
N LEU B 363 -0.06 5.06 20.20
CA LEU B 363 0.04 4.52 21.56
C LEU B 363 1.49 4.21 22.03
N ILE B 364 2.42 4.11 21.09
CA ILE B 364 3.84 3.97 21.36
C ILE B 364 4.33 5.10 22.30
N ARG B 365 3.62 6.22 22.30
CA ARG B 365 3.91 7.26 23.24
C ARG B 365 3.96 6.79 24.71
N LEU B 366 3.17 5.77 25.07
CA LEU B 366 3.16 5.28 26.44
C LEU B 366 4.49 4.72 26.97
N PRO B 367 5.08 3.69 26.30
CA PRO B 367 6.41 3.28 26.80
C PRO B 367 7.48 4.37 26.53
N LEU B 368 7.33 5.18 25.48
CA LEU B 368 8.35 6.20 25.26
C LEU B 368 8.40 7.20 26.41
N LEU B 369 7.23 7.59 26.95
CA LEU B 369 7.19 8.48 28.13
C LEU B 369 7.90 7.91 29.37
N GLU B 370 7.74 6.60 29.59
CA GLU B 370 8.41 5.96 30.71
C GLU B 370 9.93 5.97 30.56
N LEU B 371 10.42 5.67 29.36
CA LEU B 371 11.86 5.77 29.07
C LEU B 371 12.41 7.19 29.24
N GLN B 372 11.63 8.20 28.86
CA GLN B 372 11.99 9.60 29.08
C GLN B 372 12.18 9.87 30.58
N LYS B 373 11.21 9.44 31.38
CA LYS B 373 11.24 9.55 32.85
C LYS B 373 12.43 8.82 33.48
N MSE B 374 12.98 7.83 32.78
CA MSE B 374 14.13 7.09 33.26
C MSE B 374 15.38 7.70 32.68
O MSE B 374 16.44 7.10 32.71
CB MSE B 374 13.97 5.60 32.92
CG MSE B 374 12.78 5.01 33.70
SE MSE B 374 12.22 3.22 33.06
CE MSE B 374 12.53 2.16 34.68
N GLY B 375 15.26 8.89 32.11
CA GLY B 375 16.41 9.63 31.59
C GLY B 375 17.07 9.17 30.29
N GLU B 376 16.40 8.31 29.50
CA GLU B 376 16.88 7.91 28.17
C GLU B 376 16.94 9.10 27.20
N ASN B 377 17.78 9.02 26.17
CA ASN B 377 17.96 10.14 25.28
C ASN B 377 16.62 10.58 24.62
N GLN B 378 16.20 11.77 25.00
CA GLN B 378 14.96 12.35 24.55
C GLN B 378 14.86 12.45 23.00
N LYS B 379 15.96 12.79 22.33
CA LYS B 379 15.94 12.92 20.89
C LYS B 379 15.69 11.59 20.20
N LEU B 380 16.25 10.51 20.73
CA LEU B 380 16.07 9.19 20.12
C LEU B 380 14.62 8.74 20.30
N LEU B 381 14.06 9.08 21.45
CA LEU B 381 12.68 8.79 21.74
C LEU B 381 11.77 9.48 20.73
N GLU B 382 12.05 10.75 20.42
CA GLU B 382 11.21 11.51 19.47
C GLU B 382 11.31 10.85 18.10
N LEU B 383 12.52 10.43 17.74
CA LEU B 383 12.77 9.76 16.48
C LEU B 383 12.00 8.44 16.38
N LEU B 384 11.79 7.76 17.51
CA LEU B 384 10.99 6.53 17.52
C LEU B 384 9.50 6.74 17.24
N LEU B 385 9.04 7.99 17.36
CA LEU B 385 7.67 8.38 16.89
C LEU B 385 7.47 8.40 15.37
N LEU B 386 8.50 8.68 14.57
CA LEU B 386 8.40 8.65 13.07
C LEU B 386 8.11 7.26 12.38
N GLY C 1 -6.60 -1.52 26.82
CA GLY C 1 -6.39 -0.78 25.55
C GLY C 1 -7.35 0.36 25.26
N MET C 2 -7.02 1.13 24.23
CA MET C 2 -7.83 2.25 23.74
C MET C 2 -8.77 1.72 22.67
N PRO C 3 -10.09 1.93 22.84
CA PRO C 3 -11.01 1.50 21.78
C PRO C 3 -10.77 2.28 20.50
N ARG C 4 -10.79 1.57 19.37
CA ARG C 4 -10.79 2.19 18.05
C ARG C 4 -12.00 1.75 17.26
N GLY C 5 -12.38 2.53 16.27
CA GLY C 5 -13.46 2.13 15.40
C GLY C 5 -13.69 3.12 14.31
N ALA C 6 -14.24 2.59 13.22
CA ALA C 6 -14.77 3.40 12.13
C ALA C 6 -16.09 2.80 11.66
N GLY D 1 25.74 8.44 -2.90
CA GLY D 1 24.65 7.44 -2.67
C GLY D 1 24.94 6.07 -3.26
N MET D 2 24.09 5.09 -2.92
CA MET D 2 24.25 3.71 -3.37
C MET D 2 23.38 3.50 -4.59
N PRO D 3 23.94 2.95 -5.69
CA PRO D 3 23.07 2.73 -6.85
C PRO D 3 22.07 1.62 -6.56
N ARG D 4 20.82 1.87 -6.91
CA ARG D 4 19.76 0.87 -6.87
C ARG D 4 19.21 0.76 -8.25
N GLY D 5 18.68 -0.43 -8.56
CA GLY D 5 18.06 -0.63 -9.86
C GLY D 5 17.33 -1.94 -9.93
N ALA D 6 16.37 -1.99 -10.85
CA ALA D 6 15.65 -3.22 -11.15
C ALA D 6 15.35 -3.32 -12.67
S SO4 E . 17.72 -10.52 7.72
O1 SO4 E . 17.13 -11.53 6.82
O2 SO4 E . 19.17 -10.82 7.79
O3 SO4 E . 17.15 -10.58 9.08
O4 SO4 E . 17.48 -9.17 7.16
S SO4 F . 23.11 -7.72 8.25
O1 SO4 F . 23.00 -8.91 7.37
O2 SO4 F . 24.05 -8.06 9.38
O3 SO4 F . 21.78 -7.31 8.78
O4 SO4 F . 23.66 -6.57 7.46
S SO4 G . 6.66 13.21 -9.90
O1 SO4 G . 8.03 13.77 -9.76
O2 SO4 G . 6.54 12.69 -11.27
O3 SO4 G . 5.65 14.27 -9.65
O4 SO4 G . 6.46 12.13 -8.91
S SO4 H . -0.30 -13.05 -34.97
O1 SO4 H . -0.51 -14.35 -35.65
O2 SO4 H . 1.08 -13.02 -34.43
O3 SO4 H . -1.28 -12.90 -33.87
O4 SO4 H . -0.43 -11.93 -35.93
S SO4 I . 42.10 19.61 6.43
O1 SO4 I . 42.39 19.55 4.98
O2 SO4 I . 41.41 18.38 6.88
O3 SO4 I . 43.36 19.76 7.19
O4 SO4 I . 41.23 20.79 6.71
S SO4 J . 21.81 -16.02 2.91
O1 SO4 J . 21.68 -17.49 2.92
O2 SO4 J . 23.02 -15.65 2.14
O3 SO4 J . 21.89 -15.56 4.32
O4 SO4 J . 20.61 -15.39 2.29
S SO4 K . -4.83 -10.39 -32.38
O1 SO4 K . -3.51 -11.06 -32.37
O2 SO4 K . -5.37 -10.44 -33.75
O3 SO4 K . -5.74 -11.11 -31.45
O4 SO4 K . -4.71 -8.97 -31.95
S SO4 L . 22.81 -0.68 14.82
O1 SO4 L . 23.24 -1.77 15.74
O2 SO4 L . 23.19 -1.01 13.42
O3 SO4 L . 23.43 0.60 15.21
O4 SO4 L . 21.34 -0.55 14.92
S SO4 M . 36.81 -0.41 -17.03
O1 SO4 M . 36.95 -1.59 -16.15
O2 SO4 M . 36.48 -0.83 -18.41
O3 SO4 M . 35.72 0.45 -16.53
O4 SO4 M . 38.09 0.37 -17.03
S SO4 N . 34.35 6.66 13.62
O1 SO4 N . 35.44 5.67 13.51
O2 SO4 N . 33.28 6.33 12.65
O3 SO4 N . 34.85 8.02 13.32
O4 SO4 N . 33.81 6.62 15.00
S SO4 O . 0.38 16.93 14.42
O1 SO4 O . 1.65 16.80 13.69
O2 SO4 O . 0.03 15.62 15.04
O3 SO4 O . -0.67 17.32 13.45
O4 SO4 O . 0.49 17.94 15.49
S SO4 P . 0.38 15.78 20.46
O1 SO4 P . 1.18 15.24 19.34
O2 SO4 P . -0.18 14.63 21.24
O3 SO4 P . -0.72 16.66 19.98
O4 SO4 P . 1.25 16.61 21.34
S SO4 Q . 3.08 -4.27 47.38
O1 SO4 Q . 4.12 -4.55 46.37
O2 SO4 Q . 2.91 -5.40 48.32
O3 SO4 Q . 1.75 -4.04 46.73
O4 SO4 Q . 3.49 -3.05 48.11
S SO4 R . 8.36 11.61 23.77
O1 SO4 R . 8.97 10.85 24.87
O2 SO4 R . 8.63 10.93 22.49
O3 SO4 R . 8.94 12.98 23.72
O4 SO4 R . 6.89 11.70 23.95
S SO4 S . -36.95 -13.03 -7.34
O1 SO4 S . -35.57 -12.78 -7.82
O2 SO4 S . -37.08 -14.47 -7.03
O3 SO4 S . -37.90 -12.64 -8.39
O4 SO4 S . -37.19 -12.22 -6.12
S SO4 T . -6.20 -13.36 9.53
O1 SO4 T . -5.11 -13.91 10.39
O2 SO4 T . -6.22 -14.11 8.25
O3 SO4 T . -5.92 -11.92 9.28
O4 SO4 T . -7.52 -13.51 10.20
S SO4 U . -7.80 13.20 40.21
O1 SO4 U . -8.56 11.95 39.98
O2 SO4 U . -6.36 13.04 39.86
O3 SO4 U . -7.90 13.57 41.64
O4 SO4 U . -8.36 14.28 39.36
S SO4 V . -30.30 -1.35 17.50
O1 SO4 V . -30.01 -2.36 16.44
O2 SO4 V . -29.66 -1.77 18.77
O3 SO4 V . -29.76 -0.02 17.13
O4 SO4 V . -31.77 -1.26 17.68
S SO4 W . -21.60 15.30 -7.91
O1 SO4 W . -21.59 14.05 -8.70
O2 SO4 W . -20.20 15.66 -7.54
O3 SO4 W . -22.20 16.39 -8.72
O4 SO4 W . -22.41 15.13 -6.67
#